data_3GKA
#
_entry.id   3GKA
#
_cell.length_a   49.350
_cell.length_b   77.890
_cell.length_c   168.940
_cell.angle_alpha   90.000
_cell.angle_beta   90.000
_cell.angle_gamma   90.000
#
_symmetry.space_group_name_H-M   'P 21 21 21'
#
loop_
_entity.id
_entity.type
_entity.pdbx_description
1 polymer 'N-ethylmaleimide reductase'
2 non-polymer 'FLAVIN MONONUCLEOTIDE'
3 water water
#
_entity_poly.entity_id   1
_entity_poly.type   'polypeptide(L)'
_entity_poly.pdbx_seq_one_letter_code
;MAHHHHHHMPSLFDPLTIGDLTLANRIIMAPLTRARAGDTRTPNALMARYYAERASAGLIISEATSVTPQGVGYASTPGI
WSPEQVDGWRLVTDAVHAAGGRIFLQLWHVGRVSDPVFLDGALPVAPSAIAPGGHVSLVRPQRPYVTPRALELDEIPGVV
AAFRRGAENARAAGFDGVEVHGANGYLLDQFLQDSANRRTDAYGGSIENRARLLLEVVDAAIDVWSAARVGVHLAPRGDA
HTMGDSDPAATFGHVARELGRRRIAFLFARESFGGDAIGQQLKAAFGGPFIVNENFTLDSAQAALDAGQADAVAWGKLFI
ANPDLPRRFKLNAPLNEPNAATFYAQGEVGYTDYPALESAA
;
_entity_poly.pdbx_strand_id   A,B
#
loop_
_chem_comp.id
_chem_comp.type
_chem_comp.name
_chem_comp.formula
FMN non-polymer 'FLAVIN MONONUCLEOTIDE' 'C17 H21 N4 O9 P'
#
# COMPACT_ATOMS: atom_id res chain seq x y z
N MET A 9 -8.39 1.33 -19.23
CA MET A 9 -8.27 2.65 -18.54
C MET A 9 -9.57 3.46 -18.66
N PRO A 10 -10.01 4.09 -17.55
CA PRO A 10 -11.26 4.83 -17.59
C PRO A 10 -11.16 6.29 -18.05
N SER A 11 -12.20 6.77 -18.72
CA SER A 11 -12.37 8.19 -19.01
C SER A 11 -12.91 8.89 -17.77
N LEU A 12 -12.59 10.18 -17.61
CA LEU A 12 -13.21 11.00 -16.56
C LEU A 12 -14.74 10.98 -16.63
N PHE A 13 -15.27 10.78 -17.83
CA PHE A 13 -16.71 10.76 -18.07
C PHE A 13 -17.38 9.39 -17.96
N ASP A 14 -16.60 8.36 -17.63
CA ASP A 14 -17.15 7.02 -17.35
C ASP A 14 -17.71 6.96 -15.92
N PRO A 15 -18.78 6.20 -15.71
CA PRO A 15 -19.28 5.95 -14.36
C PRO A 15 -18.24 5.32 -13.42
N LEU A 16 -18.41 5.55 -12.12
CA LEU A 16 -17.58 4.93 -11.09
C LEU A 16 -18.51 4.48 -9.98
N THR A 17 -18.27 3.29 -9.45
CA THR A 17 -18.99 2.82 -8.28
C THR A 17 -18.10 3.01 -7.04
N ILE A 18 -18.64 3.71 -6.03
CA ILE A 18 -18.03 3.78 -4.71
C ILE A 18 -18.95 3.08 -3.73
N GLY A 19 -18.41 2.08 -3.02
CA GLY A 19 -19.24 1.14 -2.27
C GLY A 19 -20.32 0.54 -3.16
N ASP A 20 -21.59 0.77 -2.80
CA ASP A 20 -22.76 0.30 -3.58
C ASP A 20 -23.45 1.43 -4.35
N LEU A 21 -22.82 2.59 -4.42
CA LEU A 21 -23.41 3.79 -5.00
C LEU A 21 -22.70 4.08 -6.32
N THR A 22 -23.46 4.20 -7.40
CA THR A 22 -22.87 4.48 -8.71
C THR A 22 -22.88 6.00 -8.98
N LEU A 23 -21.76 6.54 -9.44
CA LEU A 23 -21.65 7.95 -9.79
C LEU A 23 -21.66 8.08 -11.31
N ALA A 24 -22.32 9.13 -11.81
CA ALA A 24 -22.51 9.30 -13.25
C ALA A 24 -21.18 9.56 -13.98
N ASN A 25 -20.22 10.16 -13.28
CA ASN A 25 -18.91 10.44 -13.86
C ASN A 25 -17.86 10.52 -12.77
N ARG A 26 -16.61 10.73 -13.15
CA ARG A 26 -15.49 10.77 -12.21
C ARG A 26 -14.94 12.19 -11.98
N ILE A 27 -15.81 13.17 -12.24
CA ILE A 27 -15.49 14.58 -12.00
C ILE A 27 -16.17 15.02 -10.70
N ILE A 28 -15.38 15.08 -9.63
CA ILE A 28 -15.89 15.25 -8.27
C ILE A 28 -15.81 16.71 -7.82
N MET A 29 -16.83 17.18 -7.12
CA MET A 29 -16.73 18.53 -6.52
C MET A 29 -16.09 18.42 -5.14
N ALA A 30 -14.95 19.09 -5.00
CA ALA A 30 -14.19 19.09 -3.76
C ALA A 30 -14.95 19.87 -2.68
N PRO A 31 -14.70 19.53 -1.40
CA PRO A 31 -15.35 20.26 -0.31
C PRO A 31 -14.88 21.70 -0.28
N LEU A 32 -15.80 22.65 -0.25
CA LEU A 32 -15.45 24.08 -0.26
C LEU A 32 -16.26 24.89 0.74
N THR A 33 -15.60 25.26 1.84
CA THR A 33 -16.13 26.25 2.78
C THR A 33 -16.37 27.58 2.08
N ARG A 34 -17.62 28.05 2.12
CA ARG A 34 -18.03 29.29 1.46
C ARG A 34 -18.70 30.30 2.41
N ALA A 35 -19.05 29.86 3.61
CA ALA A 35 -19.55 30.75 4.66
C ALA A 35 -20.87 31.46 4.29
N ARG A 36 -21.80 30.71 3.69
CA ARG A 36 -23.13 31.24 3.33
C ARG A 36 -24.25 30.74 4.24
N ALA A 37 -23.89 30.13 5.37
CA ALA A 37 -24.89 29.60 6.29
C ALA A 37 -25.44 30.68 7.22
N GLY A 38 -24.83 31.87 7.19
CA GLY A 38 -25.31 33.00 7.97
C GLY A 38 -25.09 32.84 9.46
N ASP A 39 -25.62 33.80 10.22
CA ASP A 39 -25.46 33.82 11.68
C ASP A 39 -26.02 32.57 12.37
N THR A 40 -27.08 31.98 11.82
CA THR A 40 -27.71 30.79 12.44
C THR A 40 -27.00 29.48 12.15
N ARG A 41 -25.96 29.52 11.29
CA ARG A 41 -25.19 28.33 10.89
C ARG A 41 -26.07 27.22 10.29
N THR A 42 -27.17 27.63 9.66
CA THR A 42 -28.15 26.70 9.15
C THR A 42 -28.13 26.76 7.63
N PRO A 43 -27.97 25.59 6.96
CA PRO A 43 -28.05 25.61 5.50
C PRO A 43 -29.41 26.13 5.02
N ASN A 44 -29.43 26.70 3.82
CA ASN A 44 -30.56 27.50 3.36
C ASN A 44 -30.80 27.39 1.85
N ALA A 45 -31.87 28.04 1.39
CA ALA A 45 -32.28 27.98 -0.01
C ALA A 45 -31.17 28.37 -0.98
N LEU A 46 -30.30 29.30 -0.57
CA LEU A 46 -29.23 29.79 -1.43
C LEU A 46 -28.16 28.71 -1.63
N MET A 47 -27.76 28.06 -0.53
CA MET A 47 -26.85 26.92 -0.59
C MET A 47 -27.47 25.78 -1.39
N ALA A 48 -28.78 25.60 -1.27
CA ALA A 48 -29.50 24.57 -2.03
C ALA A 48 -29.33 24.74 -3.53
N ARG A 49 -29.52 25.97 -4.02
CA ARG A 49 -29.39 26.27 -5.45
C ARG A 49 -27.93 26.19 -5.95
N TYR A 50 -27.00 26.64 -5.11
CA TYR A 50 -25.58 26.54 -5.37
C TYR A 50 -25.15 25.09 -5.60
N TYR A 51 -25.54 24.20 -4.69
CA TYR A 51 -25.20 22.79 -4.81
C TYR A 51 -25.96 22.16 -5.98
N ALA A 52 -27.26 22.39 -6.05
CA ALA A 52 -28.10 21.82 -7.13
C ALA A 52 -27.52 22.09 -8.52
N GLU A 53 -27.04 23.32 -8.74
CA GLU A 53 -26.51 23.70 -10.05
C GLU A 53 -25.12 23.08 -10.35
N ARG A 54 -24.52 22.46 -9.34
CA ARG A 54 -23.28 21.69 -9.48
C ARG A 54 -23.52 20.18 -9.40
N ALA A 55 -24.79 19.78 -9.53
CA ALA A 55 -25.19 18.37 -9.37
C ALA A 55 -24.80 17.46 -10.55
N SER A 56 -24.32 18.04 -11.65
CA SER A 56 -23.77 17.24 -12.75
C SER A 56 -22.40 16.63 -12.39
N ALA A 57 -21.82 17.07 -11.29
CA ALA A 57 -20.64 16.41 -10.71
C ALA A 57 -21.01 14.98 -10.36
N GLY A 58 -20.10 14.05 -10.65
CA GLY A 58 -20.26 12.66 -10.24
C GLY A 58 -20.61 12.54 -8.77
N LEU A 59 -19.90 13.32 -7.96
CA LEU A 59 -20.18 13.39 -6.53
C LEU A 59 -19.79 14.77 -6.02
N ILE A 60 -20.65 15.31 -5.14
CA ILE A 60 -20.33 16.52 -4.42
C ILE A 60 -19.93 16.14 -3.02
N ILE A 61 -18.79 16.64 -2.56
CA ILE A 61 -18.46 16.61 -1.16
C ILE A 61 -18.75 18.01 -0.66
N SER A 62 -19.56 18.09 0.38
CA SER A 62 -20.03 19.38 0.89
C SER A 62 -18.90 20.11 1.58
N GLU A 63 -19.07 21.42 1.73
CA GLU A 63 -18.24 22.21 2.63
C GLU A 63 -18.09 21.52 3.98
N ALA A 64 -16.96 21.75 4.62
CA ALA A 64 -16.70 21.21 5.95
C ALA A 64 -17.81 21.67 6.91
N THR A 65 -18.32 20.75 7.71
CA THR A 65 -19.48 21.02 8.54
C THR A 65 -19.21 20.55 9.95
N SER A 66 -19.24 21.47 10.90
CA SER A 66 -18.83 21.20 12.27
C SER A 66 -19.82 20.29 12.98
N VAL A 67 -19.28 19.31 13.70
CA VAL A 67 -20.09 18.31 14.41
C VAL A 67 -20.47 18.76 15.82
N THR A 68 -19.96 19.91 16.24
CA THR A 68 -20.24 20.42 17.57
C THR A 68 -19.73 21.87 17.69
N PRO A 69 -20.35 22.68 18.57
CA PRO A 69 -19.89 24.06 18.83
C PRO A 69 -18.38 24.19 19.05
N GLN A 70 -17.83 23.23 19.77
CA GLN A 70 -16.40 23.17 20.05
C GLN A 70 -15.52 23.06 18.78
N GLY A 71 -16.09 22.50 17.71
CA GLY A 71 -15.36 22.29 16.45
C GLY A 71 -15.65 23.33 15.39
N VAL A 72 -16.06 24.51 15.83
CA VAL A 72 -16.32 25.65 14.94
C VAL A 72 -15.07 26.53 14.93
N GLY A 73 -14.72 27.04 13.75
CA GLY A 73 -13.54 27.89 13.61
C GLY A 73 -13.69 29.10 12.70
N TYR A 74 -14.88 29.29 12.13
CA TYR A 74 -15.12 30.39 11.20
C TYR A 74 -16.54 30.88 11.35
N ALA A 75 -16.76 32.13 10.96
CA ALA A 75 -18.07 32.74 10.95
C ALA A 75 -18.91 32.16 9.81
N SER A 76 -20.18 31.89 10.11
CA SER A 76 -21.19 31.56 9.12
C SER A 76 -20.97 30.25 8.38
N THR A 77 -20.21 29.34 8.97
CA THR A 77 -20.04 28.01 8.45
C THR A 77 -21.08 27.13 9.15
N PRO A 78 -21.65 26.15 8.42
CA PRO A 78 -22.75 25.39 8.97
C PRO A 78 -22.34 24.29 9.93
N GLY A 79 -23.28 23.87 10.77
CA GLY A 79 -23.09 22.72 11.63
C GLY A 79 -24.04 21.60 11.26
N ILE A 80 -23.85 20.44 11.92
CA ILE A 80 -24.72 19.27 11.76
C ILE A 80 -25.04 18.63 13.12
N TRP A 81 -25.05 19.44 14.18
CA TRP A 81 -25.42 18.95 15.53
C TRP A 81 -26.88 19.24 15.92
N SER A 82 -27.49 20.27 15.33
CA SER A 82 -28.85 20.69 15.73
C SER A 82 -29.95 20.15 14.80
N PRO A 83 -31.19 20.02 15.32
CA PRO A 83 -32.34 19.66 14.47
C PRO A 83 -32.69 20.73 13.42
N GLU A 84 -32.43 21.99 13.76
CA GLU A 84 -32.64 23.10 12.82
C GLU A 84 -31.69 22.97 11.63
N GLN A 85 -30.45 22.58 11.92
CA GLN A 85 -29.43 22.36 10.90
C GLN A 85 -29.75 21.17 10.00
N VAL A 86 -30.23 20.08 10.61
CA VAL A 86 -30.69 18.91 9.85
C VAL A 86 -31.75 19.31 8.81
N ASP A 87 -32.77 20.05 9.24
CA ASP A 87 -33.82 20.55 8.33
C ASP A 87 -33.22 21.42 7.21
N GLY A 88 -32.22 22.22 7.55
CA GLY A 88 -31.53 23.05 6.57
C GLY A 88 -30.87 22.17 5.51
N TRP A 89 -30.08 21.21 5.96
CA TRP A 89 -29.41 20.29 5.05
C TRP A 89 -30.37 19.48 4.17
N ARG A 90 -31.56 19.18 4.69
CA ARG A 90 -32.61 18.49 3.93
C ARG A 90 -32.99 19.26 2.67
N LEU A 91 -32.99 20.60 2.75
CA LEU A 91 -33.23 21.44 1.59
C LEU A 91 -32.13 21.19 0.56
N VAL A 92 -30.89 21.10 1.03
CA VAL A 92 -29.76 20.94 0.13
C VAL A 92 -29.77 19.57 -0.55
N THR A 93 -29.92 18.51 0.24
CA THR A 93 -29.93 17.15 -0.31
C THR A 93 -31.12 16.93 -1.25
N ASP A 94 -32.29 17.44 -0.89
CA ASP A 94 -33.47 17.32 -1.76
C ASP A 94 -33.22 17.97 -3.12
N ALA A 95 -32.66 19.18 -3.11
CA ALA A 95 -32.42 19.94 -4.35
C ALA A 95 -31.35 19.29 -5.22
N VAL A 96 -30.30 18.79 -4.58
CA VAL A 96 -29.21 18.10 -5.28
C VAL A 96 -29.72 16.83 -5.97
N HIS A 97 -30.49 16.03 -5.24
CA HIS A 97 -31.09 14.80 -5.78
C HIS A 97 -32.12 15.05 -6.86
N ALA A 98 -32.91 16.11 -6.74
CA ALA A 98 -33.87 16.47 -7.79
C ALA A 98 -33.13 16.80 -9.11
N ALA A 99 -31.92 17.35 -8.99
CA ALA A 99 -31.08 17.69 -10.15
C ALA A 99 -30.21 16.53 -10.62
N GLY A 100 -30.27 15.40 -9.92
CA GLY A 100 -29.56 14.19 -10.34
C GLY A 100 -28.21 13.93 -9.71
N GLY A 101 -27.83 14.70 -8.69
CA GLY A 101 -26.50 14.57 -8.08
C GLY A 101 -26.44 13.59 -6.93
N ARG A 102 -25.23 13.37 -6.43
CA ARG A 102 -24.97 12.65 -5.18
C ARG A 102 -24.21 13.59 -4.27
N ILE A 103 -24.44 13.53 -2.97
CA ILE A 103 -23.77 14.44 -2.07
C ILE A 103 -23.39 13.78 -0.74
N PHE A 104 -22.13 13.95 -0.34
CA PHE A 104 -21.62 13.47 0.93
C PHE A 104 -21.37 14.68 1.83
N LEU A 105 -21.71 14.56 3.11
CA LEU A 105 -21.43 15.61 4.08
C LEU A 105 -20.03 15.44 4.64
N GLN A 106 -19.20 16.47 4.57
CA GLN A 106 -17.89 16.44 5.21
C GLN A 106 -18.03 16.75 6.71
N LEU A 107 -17.69 15.77 7.55
CA LEU A 107 -17.77 15.93 9.02
C LEU A 107 -16.47 16.53 9.54
N TRP A 108 -16.60 17.56 10.36
CA TRP A 108 -15.51 18.47 10.68
C TRP A 108 -15.42 18.82 12.16
N HIS A 109 -14.19 18.87 12.67
CA HIS A 109 -13.88 19.51 13.95
C HIS A 109 -12.55 20.26 13.77
N VAL A 110 -12.57 21.58 13.95
CA VAL A 110 -11.38 22.39 13.65
C VAL A 110 -10.23 22.18 14.63
N GLY A 111 -10.53 21.67 15.82
CA GLY A 111 -9.50 21.48 16.82
C GLY A 111 -8.82 22.81 17.10
N ARG A 112 -7.49 22.82 17.07
CA ARG A 112 -6.74 24.01 17.48
C ARG A 112 -6.87 25.18 16.49
N VAL A 113 -7.32 24.91 15.27
CA VAL A 113 -7.48 25.96 14.25
C VAL A 113 -8.80 26.71 14.50
N SER A 114 -8.80 27.52 15.55
CA SER A 114 -9.98 28.27 15.96
C SER A 114 -9.58 29.43 16.86
N ASP A 115 -10.55 30.08 17.48
CA ASP A 115 -10.28 31.23 18.35
C ASP A 115 -11.42 31.34 19.36
N PRO A 116 -11.11 31.79 20.59
CA PRO A 116 -12.14 32.00 21.61
C PRO A 116 -13.36 32.80 21.17
N VAL A 117 -13.19 33.69 20.21
CA VAL A 117 -14.34 34.43 19.68
C VAL A 117 -15.44 33.51 19.13
N PHE A 118 -15.07 32.32 18.65
CA PHE A 118 -16.05 31.35 18.10
C PHE A 118 -16.53 30.34 19.14
N LEU A 119 -15.90 30.33 20.30
CA LEU A 119 -16.16 29.31 21.33
C LEU A 119 -16.69 29.91 22.63
N ASP A 120 -17.29 31.10 22.51
CA ASP A 120 -17.80 31.85 23.67
C ASP A 120 -16.76 32.03 24.79
N GLY A 121 -15.52 32.29 24.38
CA GLY A 121 -14.41 32.49 25.32
C GLY A 121 -13.57 31.26 25.66
N ALA A 122 -14.08 30.07 25.38
CA ALA A 122 -13.30 28.86 25.63
C ALA A 122 -12.10 28.77 24.69
N LEU A 123 -11.06 28.08 25.13
CA LEU A 123 -9.91 27.83 24.29
C LEU A 123 -10.27 26.77 23.27
N PRO A 124 -9.66 26.83 22.08
CA PRO A 124 -9.78 25.69 21.18
C PRO A 124 -9.14 24.44 21.80
N VAL A 125 -9.59 23.26 21.40
CA VAL A 125 -9.06 21.99 21.91
C VAL A 125 -8.16 21.28 20.89
N ALA A 126 -7.30 20.41 21.38
CA ALA A 126 -6.24 19.85 20.55
C ALA A 126 -5.67 18.61 21.21
N PRO A 127 -4.87 17.83 20.47
CA PRO A 127 -4.16 16.74 21.14
C PRO A 127 -3.20 17.25 22.21
N SER A 128 -2.45 18.32 21.89
CA SER A 128 -1.44 18.88 22.78
C SER A 128 -1.51 20.41 22.77
N ALA A 129 -1.05 21.05 23.84
CA ALA A 129 -1.13 22.50 23.98
C ALA A 129 -0.08 23.21 23.13
N ILE A 130 -0.26 23.13 21.82
CA ILE A 130 0.71 23.70 20.87
C ILE A 130 -0.09 24.42 19.81
N ALA A 131 0.16 25.72 19.68
CA ALA A 131 -0.57 26.57 18.73
C ALA A 131 0.01 26.45 17.31
N PRO A 132 -0.86 26.57 16.29
CA PRO A 132 -0.37 26.65 14.92
C PRO A 132 0.14 28.05 14.63
N GLY A 133 0.98 28.18 13.62
CA GLY A 133 1.59 29.45 13.28
C GLY A 133 0.64 30.35 12.53
N GLY A 134 1.09 31.58 12.28
CA GLY A 134 0.34 32.55 11.51
C GLY A 134 -0.79 33.16 12.30
N HIS A 135 -1.76 33.65 11.60
CA HIS A 135 -2.89 34.37 12.12
C HIS A 135 -4.23 33.68 11.79
N VAL A 136 -5.23 33.87 12.63
CA VAL A 136 -6.54 33.23 12.42
C VAL A 136 -7.13 33.74 11.12
N SER A 137 -7.54 32.81 10.24
CA SER A 137 -8.10 33.18 8.93
C SER A 137 -9.38 34.01 9.04
N LEU A 138 -9.48 35.03 8.19
CA LEU A 138 -10.72 35.79 7.95
C LEU A 138 -11.12 36.80 9.06
N VAL A 139 -10.95 36.43 10.31
CA VAL A 139 -11.30 37.31 11.43
C VAL A 139 -10.45 38.58 11.45
N ARG A 140 -11.11 39.74 11.44
CA ARG A 140 -10.43 41.04 11.56
C ARG A 140 -10.78 41.62 12.93
N PRO A 141 -9.79 42.09 13.70
CA PRO A 141 -8.38 42.28 13.37
C PRO A 141 -7.55 41.02 13.47
N GLN A 142 -6.47 40.97 12.69
CA GLN A 142 -5.61 39.81 12.63
C GLN A 142 -5.01 39.52 14.01
N ARG A 143 -5.00 38.26 14.38
CA ARG A 143 -4.43 37.84 15.66
C ARG A 143 -3.81 36.46 15.52
N PRO A 144 -2.79 36.15 16.34
CA PRO A 144 -2.23 34.82 16.35
C PRO A 144 -3.19 33.81 16.99
N TYR A 145 -2.99 32.53 16.72
CA TYR A 145 -3.76 31.50 17.37
C TYR A 145 -3.32 31.45 18.84
N VAL A 146 -4.28 31.43 19.74
CA VAL A 146 -3.97 31.22 21.16
C VAL A 146 -3.51 29.77 21.33
N THR A 147 -2.76 29.53 22.39
CA THR A 147 -2.35 28.17 22.72
C THR A 147 -3.61 27.37 23.10
N PRO A 148 -3.84 26.22 22.46
CA PRO A 148 -5.07 25.46 22.74
C PRO A 148 -5.02 24.72 24.05
N ARG A 149 -6.17 24.17 24.46
CA ARG A 149 -6.24 23.26 25.60
C ARG A 149 -6.09 21.83 25.09
N ALA A 150 -5.19 21.07 25.71
CA ALA A 150 -5.02 19.67 25.36
C ALA A 150 -6.18 18.85 25.92
N LEU A 151 -6.87 18.11 25.07
CA LEU A 151 -7.97 17.25 25.53
C LEU A 151 -7.48 16.25 26.57
N GLU A 152 -8.22 16.12 27.66
CA GLU A 152 -7.94 15.08 28.64
C GLU A 152 -8.35 13.75 28.01
N LEU A 153 -7.72 12.67 28.46
CA LEU A 153 -8.03 11.33 27.95
C LEU A 153 -9.52 11.03 27.96
N ASP A 154 -10.21 11.33 29.06
CA ASP A 154 -11.64 11.01 29.18
C ASP A 154 -12.59 11.97 28.45
N GLU A 155 -12.04 12.96 27.76
CA GLU A 155 -12.85 13.79 26.84
C GLU A 155 -12.93 13.21 25.42
N ILE A 156 -12.04 12.29 25.08
CA ILE A 156 -11.93 11.83 23.70
C ILE A 156 -13.13 11.02 23.22
N PRO A 157 -13.76 10.21 24.09
CA PRO A 157 -15.00 9.53 23.67
C PRO A 157 -16.10 10.52 23.28
N GLY A 158 -16.15 11.66 23.96
CA GLY A 158 -17.11 12.72 23.66
C GLY A 158 -16.92 13.28 22.26
N VAL A 159 -15.67 13.41 21.82
CA VAL A 159 -15.39 13.85 20.45
C VAL A 159 -15.94 12.85 19.46
N VAL A 160 -15.64 11.58 19.67
CA VAL A 160 -16.14 10.50 18.81
C VAL A 160 -17.68 10.46 18.81
N ALA A 161 -18.28 10.65 19.99
CA ALA A 161 -19.74 10.70 20.09
C ALA A 161 -20.32 11.89 19.32
N ALA A 162 -19.58 13.01 19.29
CA ALA A 162 -19.98 14.17 18.49
C ALA A 162 -19.93 13.84 17.00
N PHE A 163 -18.88 13.16 16.57
CA PHE A 163 -18.80 12.68 15.18
C PHE A 163 -19.89 11.66 14.85
N ARG A 164 -20.17 10.75 15.78
CA ARG A 164 -21.22 9.75 15.54
C ARG A 164 -22.57 10.43 15.35
N ARG A 165 -22.90 11.39 16.20
CA ARG A 165 -24.17 12.11 16.09
C ARG A 165 -24.22 12.95 14.82
N GLY A 166 -23.09 13.55 14.46
CA GLY A 166 -22.93 14.18 13.16
C GLY A 166 -23.27 13.24 12.01
N ALA A 167 -22.80 11.99 12.09
CA ALA A 167 -23.07 11.01 11.03
C ALA A 167 -24.53 10.55 11.05
N GLU A 168 -25.13 10.45 12.24
CA GLU A 168 -26.58 10.14 12.39
C GLU A 168 -27.40 11.25 11.75
N ASN A 169 -27.05 12.50 12.06
CA ASN A 169 -27.80 13.67 11.58
C ASN A 169 -27.69 13.85 10.06
N ALA A 170 -26.51 13.54 9.50
CA ALA A 170 -26.32 13.57 8.07
C ALA A 170 -27.23 12.57 7.38
N ARG A 171 -27.39 11.40 7.99
CA ARG A 171 -28.26 10.35 7.46
C ARG A 171 -29.70 10.82 7.55
N ALA A 172 -30.10 11.38 8.69
CA ALA A 172 -31.45 11.96 8.82
C ALA A 172 -31.69 13.12 7.85
N ALA A 173 -30.64 13.83 7.46
CA ALA A 173 -30.75 14.96 6.52
C ALA A 173 -30.80 14.51 5.06
N GLY A 174 -30.63 13.21 4.82
CA GLY A 174 -30.80 12.65 3.49
C GLY A 174 -29.58 12.67 2.58
N PHE A 175 -28.38 12.72 3.18
CA PHE A 175 -27.14 12.63 2.41
C PHE A 175 -26.95 11.21 1.86
N ASP A 176 -26.13 11.10 0.83
CA ASP A 176 -25.78 9.79 0.27
C ASP A 176 -24.68 9.13 1.10
N GLY A 177 -23.99 9.93 1.91
CA GLY A 177 -22.93 9.43 2.79
C GLY A 177 -22.21 10.55 3.49
N VAL A 178 -21.13 10.22 4.18
CA VAL A 178 -20.30 11.21 4.86
C VAL A 178 -18.82 10.99 4.56
N GLU A 179 -18.08 12.09 4.49
CA GLU A 179 -16.63 12.03 4.38
C GLU A 179 -16.05 12.57 5.68
N VAL A 180 -15.14 11.81 6.29
CA VAL A 180 -14.49 12.26 7.51
C VAL A 180 -13.33 13.17 7.13
N HIS A 181 -13.28 14.34 7.76
CA HIS A 181 -12.26 15.34 7.47
C HIS A 181 -11.00 15.08 8.28
N GLY A 182 -10.11 14.28 7.74
CA GLY A 182 -8.83 13.97 8.41
C GLY A 182 -7.65 14.76 7.90
N ALA A 183 -7.94 15.91 7.30
CA ALA A 183 -6.93 16.65 6.56
C ALA A 183 -6.78 18.09 7.05
N ASN A 184 -5.86 18.79 6.38
CA ASN A 184 -5.71 20.25 6.45
C ASN A 184 -5.46 20.80 7.84
N GLY A 185 -4.83 19.99 8.67
CA GLY A 185 -4.41 20.40 10.00
C GLY A 185 -5.54 20.61 10.98
N TYR A 186 -6.70 20.00 10.71
CA TYR A 186 -7.82 20.10 11.64
C TYR A 186 -7.73 18.97 12.66
N LEU A 187 -8.75 18.79 13.49
CA LEU A 187 -8.57 18.01 14.73
C LEU A 187 -7.96 16.63 14.53
N LEU A 188 -8.52 15.84 13.63
CA LEU A 188 -8.06 14.45 13.46
C LEU A 188 -6.68 14.38 12.81
N ASP A 189 -6.36 15.38 12.00
CA ASP A 189 -5.03 15.49 11.37
C ASP A 189 -4.02 15.95 12.45
N GLN A 190 -4.49 16.71 13.43
CA GLN A 190 -3.62 17.17 14.52
C GLN A 190 -3.21 15.98 15.36
N PHE A 191 -4.16 15.12 15.68
CA PHE A 191 -3.86 13.84 16.35
C PHE A 191 -2.94 12.95 15.50
N LEU A 192 -3.11 12.98 14.17
CA LEU A 192 -2.39 12.08 13.30
C LEU A 192 -0.89 12.37 13.20
N GLN A 193 -0.53 13.64 13.11
CA GLN A 193 0.84 14.05 12.78
C GLN A 193 1.61 14.47 14.03
N ASP A 194 2.89 14.10 14.08
CA ASP A 194 3.66 14.22 15.31
C ASP A 194 4.24 15.60 15.58
N SER A 195 4.06 16.56 14.66
CA SER A 195 4.38 17.97 14.93
C SER A 195 3.36 18.59 15.88
N ALA A 196 2.11 18.14 15.80
CA ALA A 196 1.00 18.71 16.60
C ALA A 196 0.55 17.83 17.77
N ASN A 197 0.75 16.53 17.64
CA ASN A 197 0.41 15.57 18.69
C ASN A 197 1.69 15.11 19.40
N ARG A 198 1.88 15.57 20.64
CA ARG A 198 3.03 15.20 21.45
C ARG A 198 2.56 14.44 22.69
N ARG A 199 1.36 13.86 22.64
CA ARG A 199 0.78 13.08 23.76
C ARG A 199 1.57 11.82 24.08
N THR A 200 1.50 11.39 25.33
CA THR A 200 2.20 10.20 25.83
C THR A 200 1.23 9.14 26.41
N ASP A 201 -0.06 9.30 26.14
CA ASP A 201 -1.06 8.29 26.47
C ASP A 201 -1.40 7.52 25.18
N ALA A 202 -2.48 6.75 25.19
CA ALA A 202 -2.82 5.89 24.04
C ALA A 202 -3.21 6.62 22.74
N TYR A 203 -3.39 7.95 22.79
CA TYR A 203 -3.66 8.71 21.57
C TYR A 203 -2.44 9.48 21.06
N GLY A 204 -1.26 9.13 21.57
CA GLY A 204 0.00 9.74 21.14
C GLY A 204 1.19 8.79 21.15
N GLY A 205 2.32 9.26 20.61
CA GLY A 205 3.54 8.46 20.51
C GLY A 205 3.63 7.72 19.19
N SER A 206 3.27 6.43 19.22
CA SER A 206 3.35 5.59 18.04
C SER A 206 2.36 6.01 16.93
N ILE A 207 2.67 5.60 15.71
CA ILE A 207 1.81 5.82 14.56
C ILE A 207 0.40 5.27 14.84
N GLU A 208 0.35 4.07 15.41
CA GLU A 208 -0.91 3.43 15.76
C GLU A 208 -1.74 4.27 16.73
N ASN A 209 -1.09 4.83 17.74
CA ASN A 209 -1.76 5.66 18.72
C ASN A 209 -2.23 7.00 18.12
N ARG A 210 -1.42 7.54 17.21
CA ARG A 210 -1.73 8.83 16.61
C ARG A 210 -2.89 8.71 15.62
N ALA A 211 -2.94 7.60 14.89
CA ALA A 211 -4.06 7.32 13.97
C ALA A 211 -5.33 6.84 14.68
N ARG A 212 -5.23 6.58 15.98
CA ARG A 212 -6.32 5.94 16.72
C ARG A 212 -7.63 6.72 16.65
N LEU A 213 -7.59 8.02 16.90
CA LEU A 213 -8.80 8.85 16.93
C LEU A 213 -9.52 8.89 15.58
N LEU A 214 -8.76 9.12 14.51
CA LEU A 214 -9.30 9.10 13.15
C LEU A 214 -10.02 7.80 12.90
N LEU A 215 -9.38 6.70 13.26
CA LEU A 215 -9.95 5.38 12.99
C LEU A 215 -11.19 5.11 13.86
N GLU A 216 -11.19 5.63 15.09
CA GLU A 216 -12.40 5.55 15.94
C GLU A 216 -13.57 6.38 15.37
N VAL A 217 -13.26 7.54 14.79
CA VAL A 217 -14.27 8.39 14.15
C VAL A 217 -14.78 7.70 12.87
N VAL A 218 -13.87 7.15 12.07
CA VAL A 218 -14.27 6.38 10.90
C VAL A 218 -15.17 5.19 11.29
N ASP A 219 -14.82 4.48 12.34
CA ASP A 219 -15.61 3.33 12.80
C ASP A 219 -17.00 3.73 13.34
N ALA A 220 -17.09 4.89 13.98
CA ALA A 220 -18.38 5.42 14.41
C ALA A 220 -19.25 5.75 13.20
N ALA A 221 -18.64 6.29 12.15
CA ALA A 221 -19.35 6.61 10.91
C ALA A 221 -19.84 5.33 10.24
N ILE A 222 -18.95 4.34 10.17
CA ILE A 222 -19.27 3.02 9.65
C ILE A 222 -20.43 2.36 10.41
N ASP A 223 -20.48 2.53 11.74
CA ASP A 223 -21.61 2.02 12.52
C ASP A 223 -22.95 2.64 12.09
N VAL A 224 -22.92 3.91 11.71
CA VAL A 224 -24.13 4.61 11.25
C VAL A 224 -24.48 4.31 9.78
N TRP A 225 -23.47 4.36 8.92
CA TRP A 225 -23.67 4.32 7.45
C TRP A 225 -23.32 3.00 6.78
N SER A 226 -22.52 2.17 7.44
CA SER A 226 -21.75 1.09 6.80
C SER A 226 -20.59 1.70 6.00
N ALA A 227 -19.55 0.89 5.79
CA ALA A 227 -18.31 1.33 5.14
C ALA A 227 -18.54 1.82 3.71
N ALA A 228 -19.50 1.21 3.03
CA ALA A 228 -19.85 1.54 1.65
C ALA A 228 -20.23 3.02 1.42
N ARG A 229 -20.67 3.70 2.48
CA ARG A 229 -21.10 5.09 2.38
C ARG A 229 -20.21 6.05 3.20
N VAL A 230 -18.97 5.64 3.47
CA VAL A 230 -18.04 6.47 4.23
C VAL A 230 -16.78 6.71 3.43
N GLY A 231 -16.42 7.98 3.29
CA GLY A 231 -15.14 8.37 2.69
C GLY A 231 -14.27 9.05 3.74
N VAL A 232 -12.99 9.19 3.42
CA VAL A 232 -12.06 9.88 4.30
C VAL A 232 -11.18 10.80 3.48
N HIS A 233 -10.92 11.98 4.05
N HIS A 233 -10.89 11.96 4.07
CA HIS A 233 -10.10 12.98 3.41
CA HIS A 233 -10.13 13.02 3.43
C HIS A 233 -8.76 13.10 4.11
C HIS A 233 -8.76 13.14 4.10
N LEU A 234 -7.69 13.10 3.33
CA LEU A 234 -6.32 13.26 3.86
C LEU A 234 -5.53 14.25 3.03
N ALA A 235 -4.50 14.82 3.62
CA ALA A 235 -3.61 15.77 2.97
C ALA A 235 -2.18 15.44 3.39
N PRO A 236 -1.52 14.50 2.70
CA PRO A 236 -0.23 13.93 3.14
C PRO A 236 0.96 14.89 3.25
N ARG A 237 0.98 15.98 2.49
CA ARG A 237 2.11 16.92 2.54
C ARG A 237 2.22 17.67 3.86
N GLY A 238 1.10 17.77 4.57
CA GLY A 238 1.04 18.52 5.82
C GLY A 238 1.41 19.98 5.60
N ASP A 239 0.89 20.57 4.52
CA ASP A 239 1.27 21.92 4.11
C ASP A 239 0.24 23.01 4.45
N ALA A 240 -0.77 22.67 5.26
CA ALA A 240 -1.73 23.64 5.75
C ALA A 240 -1.87 23.61 7.28
N HIS A 241 -1.87 24.79 7.88
CA HIS A 241 -2.09 24.98 9.32
C HIS A 241 -1.04 24.28 10.20
N THR A 242 0.22 24.50 9.86
CA THR A 242 1.35 24.09 10.69
C THR A 242 1.32 22.60 11.01
N MET A 243 1.05 21.80 9.98
CA MET A 243 1.18 20.36 10.07
C MET A 243 2.61 19.97 9.77
N GLY A 244 2.87 18.67 9.70
CA GLY A 244 4.20 18.14 9.42
C GLY A 244 4.36 16.87 10.23
N ASP A 245 4.97 15.87 9.63
CA ASP A 245 5.23 14.61 10.34
C ASP A 245 6.62 14.14 10.01
N SER A 246 7.27 13.52 10.98
CA SER A 246 8.62 13.01 10.80
C SER A 246 8.72 11.99 9.65
N ASP A 247 7.66 11.19 9.44
CA ASP A 247 7.68 10.15 8.39
C ASP A 247 6.29 9.97 7.75
N PRO A 248 5.91 10.89 6.84
CA PRO A 248 4.57 10.87 6.26
C PRO A 248 4.21 9.54 5.61
N ALA A 249 5.12 8.97 4.84
CA ALA A 249 4.90 7.67 4.20
C ALA A 249 4.51 6.59 5.20
N ALA A 250 5.14 6.58 6.36
CA ALA A 250 4.80 5.60 7.41
C ALA A 250 3.46 5.93 8.06
N THR A 251 3.24 7.21 8.34
CA THR A 251 2.03 7.64 9.05
C THR A 251 0.79 7.45 8.20
N PHE A 252 0.83 8.00 7.00
CA PHE A 252 -0.32 7.94 6.08
C PHE A 252 -0.50 6.58 5.45
N GLY A 253 0.60 5.85 5.25
CA GLY A 253 0.53 4.47 4.75
C GLY A 253 -0.23 3.57 5.71
N HIS A 254 0.10 3.68 7.00
CA HIS A 254 -0.61 2.94 8.03
C HIS A 254 -2.10 3.27 7.99
N VAL A 255 -2.43 4.56 7.92
CA VAL A 255 -3.83 4.99 7.87
C VAL A 255 -4.49 4.40 6.63
N ALA A 256 -3.80 4.50 5.49
CA ALA A 256 -4.35 3.99 4.23
C ALA A 256 -4.59 2.48 4.27
N ARG A 257 -3.68 1.72 4.88
CA ARG A 257 -3.86 0.27 5.03
C ARG A 257 -5.07 -0.04 5.90
N GLU A 258 -5.20 0.69 7.00
CA GLU A 258 -6.29 0.45 7.94
C GLU A 258 -7.66 0.80 7.36
N LEU A 259 -7.73 1.87 6.58
CA LEU A 259 -9.00 2.27 5.97
C LEU A 259 -9.38 1.28 4.88
N GLY A 260 -8.39 0.81 4.13
CA GLY A 260 -8.59 -0.19 3.09
C GLY A 260 -9.10 -1.51 3.64
N ARG A 261 -8.57 -1.92 4.78
CA ARG A 261 -9.05 -3.13 5.48
C ARG A 261 -10.52 -3.02 5.87
N ARG A 262 -10.97 -1.80 6.16
CA ARG A 262 -12.38 -1.56 6.46
C ARG A 262 -13.25 -1.42 5.21
N ARG A 263 -12.62 -1.42 4.04
CA ARG A 263 -13.34 -1.38 2.75
C ARG A 263 -14.28 -0.17 2.65
N ILE A 264 -13.80 1.01 3.06
CA ILE A 264 -14.62 2.22 2.96
C ILE A 264 -14.84 2.64 1.50
N ALA A 265 -15.77 3.58 1.28
CA ALA A 265 -16.15 4.05 -0.06
C ALA A 265 -14.98 4.59 -0.91
N PHE A 266 -14.22 5.50 -0.33
CA PHE A 266 -13.11 6.12 -1.05
C PHE A 266 -12.12 6.79 -0.12
N LEU A 267 -10.96 7.07 -0.68
CA LEU A 267 -9.95 7.87 -0.03
C LEU A 267 -9.70 9.08 -0.91
N PHE A 268 -9.92 10.27 -0.36
CA PHE A 268 -9.70 11.55 -1.05
C PHE A 268 -8.41 12.14 -0.52
N ALA A 269 -7.43 12.34 -1.41
CA ALA A 269 -6.14 12.89 -1.04
C ALA A 269 -5.95 14.26 -1.68
N ARG A 270 -5.83 15.31 -0.87
CA ARG A 270 -5.40 16.61 -1.39
C ARG A 270 -3.88 16.57 -1.46
N GLU A 271 -3.36 16.47 -2.67
CA GLU A 271 -1.91 16.44 -2.88
C GLU A 271 -1.59 16.61 -4.35
N SER A 272 -1.23 17.82 -4.75
CA SER A 272 -0.79 18.06 -6.13
C SER A 272 0.30 17.06 -6.50
N PHE A 273 0.24 16.55 -7.72
CA PHE A 273 1.23 15.60 -8.19
C PHE A 273 2.57 16.28 -8.32
N GLY A 274 3.62 15.50 -8.18
CA GLY A 274 4.98 16.03 -8.25
C GLY A 274 5.96 15.12 -7.56
N GLY A 275 7.21 15.57 -7.52
CA GLY A 275 8.34 14.71 -7.14
C GLY A 275 8.27 14.09 -5.76
N ASP A 276 7.60 14.78 -4.84
CA ASP A 276 7.52 14.35 -3.44
C ASP A 276 6.17 13.73 -3.07
N ALA A 277 5.29 13.58 -4.06
CA ALA A 277 3.94 13.06 -3.81
C ALA A 277 4.05 11.60 -3.34
N ILE A 278 3.27 11.25 -2.32
CA ILE A 278 3.22 9.88 -1.82
C ILE A 278 1.86 9.21 -2.09
N GLY A 279 1.03 9.85 -2.92
CA GLY A 279 -0.31 9.38 -3.23
C GLY A 279 -0.41 7.96 -3.73
N GLN A 280 0.50 7.56 -4.60
CA GLN A 280 0.54 6.23 -5.13
C GLN A 280 0.86 5.15 -4.10
N GLN A 281 1.71 5.48 -3.15
CA GLN A 281 1.92 4.66 -2.01
C GLN A 281 0.61 4.45 -1.25
N LEU A 282 -0.13 5.52 -1.01
CA LEU A 282 -1.40 5.48 -0.30
C LEU A 282 -2.48 4.69 -1.05
N LYS A 283 -2.49 4.84 -2.37
CA LYS A 283 -3.45 4.14 -3.24
C LYS A 283 -3.25 2.63 -3.19
N ALA A 284 -2.01 2.18 -3.33
CA ALA A 284 -1.67 0.76 -3.23
C ALA A 284 -1.98 0.20 -1.84
N ALA A 285 -1.74 1.01 -0.81
CA ALA A 285 -2.06 0.61 0.57
C ALA A 285 -3.56 0.54 0.81
N PHE A 286 -4.32 1.44 0.18
CA PHE A 286 -5.77 1.51 0.39
C PHE A 286 -6.51 0.42 -0.41
N GLY A 287 -6.23 0.36 -1.71
CA GLY A 287 -6.81 -0.68 -2.56
C GLY A 287 -8.20 -0.42 -3.12
N GLY A 288 -8.89 0.59 -2.59
CA GLY A 288 -10.21 0.98 -3.10
C GLY A 288 -10.15 2.31 -3.85
N PRO A 289 -11.32 2.83 -4.28
CA PRO A 289 -11.42 4.07 -5.01
C PRO A 289 -10.59 5.22 -4.42
N PHE A 290 -9.75 5.82 -5.26
CA PHE A 290 -8.80 6.82 -4.83
C PHE A 290 -9.03 8.09 -5.63
N ILE A 291 -9.42 9.16 -4.94
CA ILE A 291 -9.71 10.43 -5.56
C ILE A 291 -8.53 11.37 -5.32
N VAL A 292 -7.90 11.82 -6.41
CA VAL A 292 -6.81 12.78 -6.30
C VAL A 292 -7.33 14.21 -6.50
N ASN A 293 -6.51 15.17 -6.11
CA ASN A 293 -6.94 16.56 -6.08
C ASN A 293 -5.78 17.51 -5.86
N GLU A 294 -5.92 18.71 -6.43
CA GLU A 294 -5.04 19.88 -6.21
C GLU A 294 -4.26 20.23 -7.48
N ASN A 295 -4.58 21.40 -8.04
CA ASN A 295 -3.91 21.93 -9.23
C ASN A 295 -4.03 21.04 -10.47
N PHE A 296 -5.15 20.33 -10.61
CA PHE A 296 -5.37 19.46 -11.76
C PHE A 296 -6.05 20.21 -12.91
N THR A 297 -5.64 19.89 -14.13
CA THR A 297 -6.33 20.33 -15.33
C THR A 297 -7.08 19.13 -15.87
N LEU A 298 -7.96 19.37 -16.84
CA LEU A 298 -8.65 18.27 -17.53
C LEU A 298 -7.65 17.20 -17.98
N ASP A 299 -6.58 17.61 -18.64
CA ASP A 299 -5.66 16.66 -19.26
C ASP A 299 -4.74 15.93 -18.29
N SER A 300 -4.27 16.62 -17.25
CA SER A 300 -3.43 15.97 -16.25
C SER A 300 -4.26 14.99 -15.43
N ALA A 301 -5.57 15.27 -15.33
CA ALA A 301 -6.51 14.40 -14.62
C ALA A 301 -6.81 13.14 -15.41
N GLN A 302 -7.02 13.30 -16.71
CA GLN A 302 -7.22 12.14 -17.59
C GLN A 302 -5.93 11.31 -17.62
N ALA A 303 -4.79 11.98 -17.70
CA ALA A 303 -3.47 11.34 -17.59
C ALA A 303 -3.30 10.51 -16.29
N ALA A 304 -3.87 10.99 -15.19
CA ALA A 304 -3.80 10.27 -13.92
C ALA A 304 -4.61 8.98 -13.98
N LEU A 305 -5.81 9.07 -14.54
CA LEU A 305 -6.67 7.90 -14.74
C LEU A 305 -6.02 6.90 -15.68
N ASP A 306 -5.43 7.39 -16.78
CA ASP A 306 -4.81 6.51 -17.78
C ASP A 306 -3.59 5.78 -17.22
N ALA A 307 -2.86 6.43 -16.30
CA ALA A 307 -1.68 5.84 -15.68
C ALA A 307 -2.01 5.00 -14.44
N GLY A 308 -3.28 4.91 -14.06
CA GLY A 308 -3.70 4.10 -12.90
C GLY A 308 -3.37 4.76 -11.57
N GLN A 309 -3.26 6.08 -11.57
CA GLN A 309 -2.86 6.82 -10.37
C GLN A 309 -4.04 7.36 -9.55
N ALA A 310 -5.23 7.32 -10.14
CA ALA A 310 -6.46 7.73 -9.47
C ALA A 310 -7.65 7.09 -10.17
N ASP A 311 -8.75 6.97 -9.45
CA ASP A 311 -9.99 6.49 -10.03
C ASP A 311 -10.93 7.64 -10.37
N ALA A 312 -10.69 8.79 -9.74
CA ALA A 312 -11.50 9.98 -9.94
C ALA A 312 -10.68 11.20 -9.57
N VAL A 313 -11.11 12.35 -10.05
CA VAL A 313 -10.40 13.59 -9.79
C VAL A 313 -11.36 14.65 -9.31
N ALA A 314 -10.96 15.36 -8.26
CA ALA A 314 -11.77 16.44 -7.70
C ALA A 314 -11.16 17.80 -7.99
N TRP A 315 -12.04 18.76 -8.26
CA TRP A 315 -11.68 20.15 -8.42
C TRP A 315 -12.42 20.98 -7.39
N GLY A 316 -11.72 21.97 -6.83
CA GLY A 316 -12.31 22.91 -5.89
C GLY A 316 -12.59 24.23 -6.58
N LYS A 317 -11.52 25.01 -6.74
CA LYS A 317 -11.63 26.37 -7.27
C LYS A 317 -12.41 26.46 -8.59
N LEU A 318 -12.18 25.52 -9.51
CA LEU A 318 -12.88 25.52 -10.79
C LEU A 318 -14.38 25.31 -10.64
N PHE A 319 -14.80 24.48 -9.67
CA PHE A 319 -16.23 24.27 -9.41
C PHE A 319 -16.90 25.47 -8.73
N ILE A 320 -16.12 26.25 -7.99
CA ILE A 320 -16.58 27.55 -7.52
C ILE A 320 -17.04 28.41 -8.70
N ALA A 321 -16.17 28.54 -9.70
CA ALA A 321 -16.45 29.43 -10.83
C ALA A 321 -17.26 28.78 -11.95
N ASN A 322 -17.29 27.44 -12.00
CA ASN A 322 -17.89 26.74 -13.14
C ASN A 322 -18.88 25.68 -12.69
N PRO A 323 -20.17 26.06 -12.58
CA PRO A 323 -21.14 25.11 -12.04
C PRO A 323 -21.32 23.90 -12.94
N ASP A 324 -21.15 24.11 -14.25
CA ASP A 324 -21.28 23.05 -15.25
C ASP A 324 -19.91 22.56 -15.75
N LEU A 325 -18.96 22.45 -14.83
CA LEU A 325 -17.59 22.05 -15.16
C LEU A 325 -17.52 20.80 -16.04
N PRO A 326 -18.25 19.72 -15.69
CA PRO A 326 -18.20 18.51 -16.52
C PRO A 326 -18.54 18.76 -17.98
N ARG A 327 -19.62 19.50 -18.23
CA ARG A 327 -19.97 19.83 -19.60
C ARG A 327 -18.96 20.78 -20.26
N ARG A 328 -18.43 21.73 -19.50
CA ARG A 328 -17.38 22.62 -20.05
C ARG A 328 -16.16 21.81 -20.47
N PHE A 329 -15.80 20.82 -19.66
CA PHE A 329 -14.70 19.90 -19.97
C PHE A 329 -14.99 19.06 -21.21
N LYS A 330 -16.18 18.49 -21.25
CA LYS A 330 -16.68 17.75 -22.43
C LYS A 330 -16.45 18.51 -23.73
N LEU A 331 -16.88 19.78 -23.73
CA LEU A 331 -16.91 20.60 -24.95
C LEU A 331 -15.63 21.39 -25.19
N ASN A 332 -14.65 21.27 -24.28
CA ASN A 332 -13.43 22.05 -24.34
C ASN A 332 -13.74 23.54 -24.41
N ALA A 333 -14.74 23.97 -23.64
CA ALA A 333 -15.19 25.35 -23.64
C ALA A 333 -14.31 26.15 -22.70
N PRO A 334 -14.20 27.47 -22.94
CA PRO A 334 -13.49 28.30 -21.96
C PRO A 334 -14.09 28.13 -20.56
N LEU A 335 -13.27 28.32 -19.53
CA LEU A 335 -13.72 28.24 -18.15
C LEU A 335 -13.81 29.62 -17.53
N ASN A 336 -14.80 29.81 -16.66
CA ASN A 336 -14.84 31.00 -15.82
C ASN A 336 -13.64 30.99 -14.89
N GLU A 337 -13.17 32.18 -14.54
CA GLU A 337 -12.10 32.34 -13.56
C GLU A 337 -12.72 32.56 -12.18
N PRO A 338 -12.23 31.84 -11.15
CA PRO A 338 -12.74 32.11 -9.81
C PRO A 338 -12.26 33.46 -9.26
N ASN A 339 -13.12 34.15 -8.51
CA ASN A 339 -12.79 35.41 -7.87
C ASN A 339 -12.58 35.21 -6.37
N ALA A 340 -11.32 35.21 -5.95
CA ALA A 340 -10.96 34.97 -4.55
C ALA A 340 -11.67 35.91 -3.57
N ALA A 341 -11.95 37.13 -4.03
CA ALA A 341 -12.60 38.16 -3.20
C ALA A 341 -13.92 37.72 -2.60
N THR A 342 -14.63 36.80 -3.26
CA THR A 342 -15.95 36.37 -2.82
C THR A 342 -16.01 34.89 -2.39
N PHE A 343 -14.84 34.27 -2.20
CA PHE A 343 -14.76 32.89 -1.69
C PHE A 343 -15.47 32.75 -0.35
N TYR A 344 -15.31 33.73 0.52
CA TYR A 344 -15.85 33.68 1.88
C TYR A 344 -16.86 34.78 2.21
N ALA A 345 -17.24 35.58 1.23
CA ALA A 345 -18.15 36.72 1.44
C ALA A 345 -19.60 36.28 1.64
N GLN A 346 -20.46 37.22 2.03
CA GLN A 346 -21.89 36.94 2.25
C GLN A 346 -22.66 36.91 0.94
N GLY A 347 -23.70 36.07 0.90
CA GLY A 347 -24.73 36.18 -0.15
C GLY A 347 -24.37 35.56 -1.48
N GLU A 348 -25.26 35.76 -2.45
CA GLU A 348 -25.21 35.08 -3.74
C GLU A 348 -24.12 35.59 -4.69
N VAL A 349 -23.60 36.80 -4.46
CA VAL A 349 -22.55 37.35 -5.33
C VAL A 349 -21.28 36.51 -5.18
N GLY A 350 -20.73 36.05 -6.29
CA GLY A 350 -19.59 35.14 -6.28
C GLY A 350 -19.90 33.78 -5.69
N TYR A 351 -21.18 33.40 -5.69
CA TYR A 351 -21.63 32.13 -5.15
C TYR A 351 -22.51 31.41 -6.18
N THR A 352 -23.65 32.02 -6.53
CA THR A 352 -24.57 31.45 -7.53
C THR A 352 -24.68 32.29 -8.82
N ASP A 353 -23.81 33.30 -8.98
CA ASP A 353 -23.88 34.18 -10.17
C ASP A 353 -22.76 33.90 -11.18
N TYR A 354 -22.09 32.76 -11.04
CA TYR A 354 -21.17 32.29 -12.06
C TYR A 354 -22.00 31.54 -13.09
N PRO A 355 -22.01 32.03 -14.35
CA PRO A 355 -22.93 31.50 -15.34
C PRO A 355 -22.51 30.13 -15.91
N ALA A 356 -23.49 29.26 -16.10
CA ALA A 356 -23.32 28.03 -16.89
C ALA A 356 -23.29 28.40 -18.36
N LEU A 357 -22.74 27.53 -19.21
CA LEU A 357 -22.68 27.78 -20.66
C LEU A 357 -24.05 28.11 -21.22
N GLU A 358 -25.02 27.24 -20.93
CA GLU A 358 -26.37 27.39 -21.45
C GLU A 358 -26.38 27.31 -22.99
N HIS B 8 17.90 9.26 13.40
CA HIS B 8 18.82 8.40 12.61
C HIS B 8 18.05 7.43 11.72
N MET B 9 18.61 7.12 10.56
CA MET B 9 18.04 6.12 9.63
C MET B 9 18.96 4.90 9.62
N PRO B 10 18.38 3.69 9.45
CA PRO B 10 19.16 2.50 9.72
C PRO B 10 20.37 2.32 8.81
N SER B 11 21.45 1.78 9.37
CA SER B 11 22.64 1.41 8.64
C SER B 11 22.51 -0.04 8.18
N LEU B 12 23.28 -0.42 7.17
CA LEU B 12 23.26 -1.79 6.68
C LEU B 12 23.72 -2.76 7.76
N PHE B 13 24.50 -2.27 8.72
CA PHE B 13 25.08 -3.08 9.78
C PHE B 13 24.27 -3.06 11.08
N ASP B 14 23.17 -2.32 11.09
CA ASP B 14 22.28 -2.32 12.25
C ASP B 14 21.42 -3.57 12.20
N PRO B 15 21.04 -4.10 13.38
CA PRO B 15 20.18 -5.28 13.37
C PRO B 15 18.78 -4.98 12.83
N LEU B 16 18.03 -6.05 12.57
CA LEU B 16 16.68 -5.95 12.06
C LEU B 16 15.87 -7.07 12.62
N THR B 17 14.69 -6.76 13.13
CA THR B 17 13.79 -7.78 13.60
C THR B 17 12.81 -8.12 12.47
N ILE B 18 12.76 -9.40 12.11
CA ILE B 18 11.71 -9.89 11.24
C ILE B 18 10.88 -10.91 12.02
N GLY B 19 9.57 -10.67 12.10
CA GLY B 19 8.71 -11.48 12.95
C GLY B 19 9.19 -11.37 14.39
N ASP B 20 9.55 -12.51 14.97
CA ASP B 20 10.11 -12.57 16.32
C ASP B 20 11.62 -12.90 16.30
N LEU B 21 12.22 -12.80 15.11
CA LEU B 21 13.62 -13.19 14.91
C LEU B 21 14.45 -11.94 14.69
N THR B 22 15.55 -11.81 15.43
CA THR B 22 16.46 -10.69 15.29
C THR B 22 17.63 -11.08 14.40
N LEU B 23 17.92 -10.25 13.40
CA LEU B 23 19.04 -10.48 12.47
C LEU B 23 20.21 -9.57 12.84
N ALA B 24 21.43 -10.09 12.75
CA ALA B 24 22.62 -9.32 13.13
C ALA B 24 22.81 -8.07 12.28
N ASN B 25 22.30 -8.09 11.05
CA ASN B 25 22.43 -6.96 10.14
C ASN B 25 21.41 -7.01 9.00
N ARG B 26 21.53 -6.08 8.05
CA ARG B 26 20.56 -5.92 6.97
C ARG B 26 21.17 -6.25 5.59
N ILE B 27 22.21 -7.09 5.62
CA ILE B 27 22.87 -7.58 4.42
C ILE B 27 22.42 -9.01 4.26
N ILE B 28 21.62 -9.25 3.24
CA ILE B 28 20.92 -10.51 3.07
C ILE B 28 21.51 -11.25 1.88
N MET B 29 21.64 -12.56 2.00
CA MET B 29 22.06 -13.39 0.89
C MET B 29 20.82 -13.84 0.15
N ALA B 30 20.70 -13.41 -1.10
CA ALA B 30 19.59 -13.79 -1.95
C ALA B 30 19.60 -15.29 -2.23
N PRO B 31 18.44 -15.84 -2.61
CA PRO B 31 18.36 -17.24 -3.00
C PRO B 31 19.12 -17.50 -4.30
N LEU B 32 20.02 -18.48 -4.29
CA LEU B 32 20.88 -18.77 -5.42
C LEU B 32 20.94 -20.28 -5.70
N THR B 33 20.20 -20.71 -6.71
CA THR B 33 20.34 -22.04 -7.28
C THR B 33 21.76 -22.24 -7.78
N ARG B 34 22.44 -23.26 -7.26
CA ARG B 34 23.81 -23.61 -7.64
C ARG B 34 23.95 -25.04 -8.18
N ALA B 35 22.97 -25.88 -7.91
CA ALA B 35 22.95 -27.26 -8.43
C ALA B 35 24.17 -28.07 -7.97
N ARG B 36 24.51 -27.96 -6.68
CA ARG B 36 25.57 -28.79 -6.10
C ARG B 36 24.96 -29.94 -5.27
N ALA B 37 23.67 -30.21 -5.45
CA ALA B 37 22.99 -31.29 -4.71
C ALA B 37 23.21 -32.67 -5.33
N GLY B 38 23.76 -32.71 -6.55
CA GLY B 38 24.02 -33.98 -7.23
C GLY B 38 22.76 -34.72 -7.64
N ASP B 39 22.95 -35.88 -8.24
CA ASP B 39 21.83 -36.67 -8.80
C ASP B 39 20.70 -36.98 -7.80
N THR B 40 21.05 -37.16 -6.52
CA THR B 40 20.06 -37.58 -5.51
C THR B 40 19.21 -36.43 -4.98
N ARG B 41 19.59 -35.19 -5.31
CA ARG B 41 18.87 -33.98 -4.86
C ARG B 41 18.84 -33.85 -3.34
N THR B 42 19.89 -34.33 -2.70
CA THR B 42 20.00 -34.36 -1.25
C THR B 42 21.14 -33.40 -0.90
N PRO B 43 20.90 -32.43 0.00
CA PRO B 43 21.98 -31.55 0.43
C PRO B 43 23.09 -32.32 1.10
N ASN B 44 24.33 -31.83 0.96
CA ASN B 44 25.53 -32.54 1.41
C ASN B 44 26.47 -31.60 2.14
N ALA B 45 27.59 -32.14 2.60
CA ALA B 45 28.57 -31.39 3.40
C ALA B 45 29.23 -30.23 2.63
N LEU B 46 29.26 -30.31 1.30
CA LEU B 46 29.85 -29.25 0.49
C LEU B 46 28.95 -28.01 0.55
N MET B 47 27.65 -28.24 0.41
CA MET B 47 26.67 -27.18 0.51
C MET B 47 26.71 -26.56 1.89
N ALA B 48 26.86 -27.39 2.92
CA ALA B 48 26.96 -26.95 4.30
C ALA B 48 28.14 -26.00 4.52
N ARG B 49 29.30 -26.31 3.94
CA ARG B 49 30.47 -25.42 4.01
C ARG B 49 30.18 -24.10 3.28
N TYR B 50 29.51 -24.20 2.14
CA TYR B 50 29.20 -23.03 1.34
C TYR B 50 28.31 -22.04 2.08
N TYR B 51 27.26 -22.55 2.70
CA TYR B 51 26.35 -21.67 3.43
C TYR B 51 27.02 -21.18 4.72
N ALA B 52 27.68 -22.08 5.43
CA ALA B 52 28.31 -21.71 6.71
C ALA B 52 29.28 -20.54 6.53
N GLU B 53 30.09 -20.58 5.48
CA GLU B 53 31.05 -19.50 5.23
C GLU B 53 30.43 -18.17 4.76
N ARG B 54 29.11 -18.18 4.53
CA ARG B 54 28.36 -16.97 4.23
C ARG B 54 27.45 -16.58 5.40
N ALA B 55 27.62 -17.23 6.54
CA ALA B 55 26.72 -17.05 7.68
C ALA B 55 26.85 -15.72 8.43
N SER B 56 27.74 -14.82 7.98
CA SER B 56 27.78 -13.45 8.53
C SER B 56 26.68 -12.56 7.92
N ALA B 57 26.05 -13.02 6.84
CA ALA B 57 24.86 -12.35 6.33
C ALA B 57 23.82 -12.29 7.44
N GLY B 58 23.08 -11.19 7.54
CA GLY B 58 21.99 -11.09 8.51
C GLY B 58 21.03 -12.25 8.38
N LEU B 59 20.72 -12.62 7.15
CA LEU B 59 19.88 -13.76 6.86
C LEU B 59 20.31 -14.36 5.53
N ILE B 60 20.26 -15.69 5.46
CA ILE B 60 20.40 -16.40 4.21
C ILE B 60 19.04 -16.92 3.78
N ILE B 61 18.71 -16.70 2.52
CA ILE B 61 17.62 -17.42 1.93
C ILE B 61 18.28 -18.45 1.01
N SER B 62 17.94 -19.70 1.23
CA SER B 62 18.54 -20.81 0.51
C SER B 62 18.17 -20.80 -0.95
N GLU B 63 18.91 -21.57 -1.73
CA GLU B 63 18.56 -21.88 -3.10
C GLU B 63 17.12 -22.40 -3.16
N ALA B 64 16.45 -22.09 -4.27
CA ALA B 64 15.12 -22.63 -4.54
C ALA B 64 15.17 -24.14 -4.35
N THR B 65 14.28 -24.67 -3.53
CA THR B 65 14.22 -26.08 -3.23
C THR B 65 12.82 -26.62 -3.53
N SER B 66 12.76 -27.61 -4.44
CA SER B 66 11.49 -28.11 -4.96
C SER B 66 10.73 -28.90 -3.90
N VAL B 67 9.42 -28.66 -3.83
CA VAL B 67 8.58 -29.34 -2.83
C VAL B 67 7.98 -30.67 -3.33
N THR B 68 8.14 -30.97 -4.61
CA THR B 68 7.65 -32.21 -5.20
C THR B 68 8.43 -32.52 -6.48
N PRO B 69 8.57 -33.81 -6.83
CA PRO B 69 9.22 -34.16 -8.10
C PRO B 69 8.57 -33.46 -9.31
N GLN B 70 7.28 -33.15 -9.21
CA GLN B 70 6.53 -32.42 -10.24
C GLN B 70 7.05 -30.99 -10.41
N GLY B 71 7.61 -30.43 -9.34
CA GLY B 71 8.11 -29.06 -9.35
C GLY B 71 9.61 -28.92 -9.57
N VAL B 72 10.22 -29.91 -10.20
CA VAL B 72 11.65 -29.88 -10.53
C VAL B 72 11.84 -29.47 -11.99
N GLY B 73 12.81 -28.61 -12.25
CA GLY B 73 13.12 -28.18 -13.62
C GLY B 73 14.59 -28.05 -13.98
N TYR B 74 15.46 -28.55 -13.10
CA TYR B 74 16.91 -28.47 -13.29
C TYR B 74 17.58 -29.72 -12.72
N ALA B 75 18.73 -30.05 -13.28
CA ALA B 75 19.55 -31.14 -12.76
C ALA B 75 20.21 -30.67 -11.46
N SER B 76 20.31 -31.59 -10.50
CA SER B 76 21.14 -31.42 -9.31
C SER B 76 20.71 -30.34 -8.32
N THR B 77 19.45 -29.92 -8.42
CA THR B 77 18.87 -28.98 -7.47
C THR B 77 18.17 -29.78 -6.37
N PRO B 78 18.21 -29.29 -5.12
CA PRO B 78 17.71 -30.12 -4.03
C PRO B 78 16.20 -30.08 -3.84
N GLY B 79 15.69 -31.07 -3.11
CA GLY B 79 14.28 -31.12 -2.74
C GLY B 79 14.09 -31.02 -1.23
N ILE B 80 12.84 -30.98 -0.82
CA ILE B 80 12.47 -30.94 0.59
C ILE B 80 11.24 -31.85 0.84
N TRP B 81 11.00 -32.81 -0.05
CA TRP B 81 9.83 -33.70 0.09
C TRP B 81 10.13 -34.99 0.88
N SER B 82 11.40 -35.36 1.02
CA SER B 82 11.76 -36.65 1.60
C SER B 82 12.53 -36.53 2.92
N PRO B 83 12.45 -37.59 3.77
CA PRO B 83 13.24 -37.72 4.98
C PRO B 83 14.75 -37.58 4.78
N GLU B 84 15.28 -38.20 3.72
CA GLU B 84 16.72 -38.10 3.42
C GLU B 84 17.12 -36.68 3.11
N GLN B 85 16.27 -35.95 2.40
CA GLN B 85 16.56 -34.56 2.07
C GLN B 85 16.53 -33.70 3.33
N VAL B 86 15.59 -33.99 4.23
CA VAL B 86 15.51 -33.31 5.51
C VAL B 86 16.79 -33.48 6.30
N ASP B 87 17.34 -34.69 6.36
CA ASP B 87 18.61 -34.92 7.09
C ASP B 87 19.76 -34.20 6.39
N GLY B 88 19.74 -34.18 5.06
CA GLY B 88 20.70 -33.41 4.29
C GLY B 88 20.65 -31.94 4.67
N TRP B 89 19.46 -31.35 4.69
CA TRP B 89 19.33 -29.95 5.09
C TRP B 89 19.77 -29.67 6.53
N ARG B 90 19.56 -30.65 7.43
CA ARG B 90 20.05 -30.58 8.81
C ARG B 90 21.54 -30.24 8.90
N LEU B 91 22.33 -30.82 8.00
CA LEU B 91 23.78 -30.55 7.94
C LEU B 91 24.01 -29.07 7.68
N VAL B 92 23.18 -28.51 6.81
CA VAL B 92 23.29 -27.11 6.43
C VAL B 92 22.84 -26.18 7.55
N THR B 93 21.67 -26.42 8.12
CA THR B 93 21.15 -25.54 9.18
C THR B 93 22.05 -25.61 10.43
N ASP B 94 22.54 -26.80 10.78
CA ASP B 94 23.51 -26.91 11.88
C ASP B 94 24.78 -26.08 11.62
N ALA B 95 25.36 -26.19 10.43
CA ALA B 95 26.61 -25.51 10.12
C ALA B 95 26.41 -24.00 10.13
N VAL B 96 25.31 -23.54 9.53
CA VAL B 96 25.00 -22.12 9.49
C VAL B 96 24.77 -21.60 10.90
N HIS B 97 23.97 -22.30 11.67
CA HIS B 97 23.71 -21.89 13.04
C HIS B 97 25.00 -21.86 13.89
N ALA B 98 25.82 -22.89 13.76
CA ALA B 98 27.12 -22.94 14.47
C ALA B 98 27.99 -21.70 14.18
N ALA B 99 27.95 -21.22 12.94
CA ALA B 99 28.73 -20.05 12.52
C ALA B 99 28.03 -18.75 12.86
N GLY B 100 26.86 -18.84 13.46
CA GLY B 100 26.15 -17.66 13.94
C GLY B 100 25.18 -17.05 12.95
N GLY B 101 24.77 -17.81 11.93
CA GLY B 101 23.85 -17.31 10.91
C GLY B 101 22.40 -17.69 11.13
N ARG B 102 21.54 -17.18 10.26
CA ARG B 102 20.13 -17.55 10.21
C ARG B 102 19.80 -17.90 8.77
N ILE B 103 18.91 -18.87 8.58
CA ILE B 103 18.59 -19.33 7.23
C ILE B 103 17.12 -19.73 7.09
N PHE B 104 16.51 -19.27 6.01
CA PHE B 104 15.15 -19.64 5.60
C PHE B 104 15.26 -20.51 4.34
N LEU B 105 14.47 -21.58 4.24
CA LEU B 105 14.41 -22.40 3.03
C LEU B 105 13.38 -21.83 2.05
N GLN B 106 13.78 -21.70 0.79
CA GLN B 106 12.89 -21.18 -0.23
C GLN B 106 12.14 -22.34 -0.86
N LEU B 107 10.81 -22.30 -0.73
CA LEU B 107 9.95 -23.39 -1.19
C LEU B 107 9.56 -23.14 -2.65
N TRP B 108 9.72 -24.16 -3.49
CA TRP B 108 9.76 -23.99 -4.94
C TRP B 108 8.90 -24.98 -5.72
N HIS B 109 8.23 -24.49 -6.76
CA HIS B 109 7.64 -25.35 -7.78
C HIS B 109 7.85 -24.66 -9.12
N VAL B 110 8.57 -25.30 -10.02
CA VAL B 110 8.97 -24.65 -11.27
C VAL B 110 7.81 -24.45 -12.23
N GLY B 111 6.78 -25.29 -12.11
CA GLY B 111 5.64 -25.25 -13.00
C GLY B 111 6.06 -25.50 -14.45
N ARG B 112 5.63 -24.61 -15.34
CA ARG B 112 5.87 -24.79 -16.78
C ARG B 112 7.34 -24.64 -17.19
N VAL B 113 8.17 -24.09 -16.30
CA VAL B 113 9.58 -23.88 -16.58
C VAL B 113 10.38 -25.15 -16.27
N SER B 114 10.13 -26.18 -17.07
CA SER B 114 10.74 -27.50 -16.92
C SER B 114 10.60 -28.25 -18.24
N ASP B 115 10.78 -29.57 -18.21
CA ASP B 115 10.84 -30.38 -19.41
C ASP B 115 10.65 -31.85 -19.03
N PRO B 116 10.03 -32.65 -19.90
CA PRO B 116 9.90 -34.09 -19.66
C PRO B 116 11.21 -34.78 -19.24
N VAL B 117 12.36 -34.26 -19.66
CA VAL B 117 13.66 -34.85 -19.26
C VAL B 117 13.85 -34.85 -17.76
N PHE B 118 13.29 -33.86 -17.08
CA PHE B 118 13.38 -33.77 -15.62
C PHE B 118 12.19 -34.41 -14.89
N LEU B 119 11.15 -34.77 -15.64
CA LEU B 119 9.89 -35.22 -15.04
C LEU B 119 9.52 -36.64 -15.46
N ASP B 120 10.53 -37.46 -15.77
CA ASP B 120 10.31 -38.85 -16.16
C ASP B 120 9.34 -39.00 -17.36
N GLY B 121 9.40 -38.03 -18.27
CA GLY B 121 8.57 -38.04 -19.47
C GLY B 121 7.25 -37.30 -19.36
N ALA B 122 6.85 -36.94 -18.14
CA ALA B 122 5.59 -36.20 -17.94
C ALA B 122 5.76 -34.77 -18.43
N LEU B 123 4.65 -34.15 -18.86
CA LEU B 123 4.67 -32.73 -19.22
C LEU B 123 4.74 -31.87 -17.95
N PRO B 124 5.40 -30.70 -18.02
CA PRO B 124 5.34 -29.71 -16.95
C PRO B 124 3.91 -29.24 -16.67
N VAL B 125 3.62 -28.85 -15.46
CA VAL B 125 2.28 -28.38 -15.13
C VAL B 125 2.25 -26.87 -15.01
N ALA B 126 1.09 -26.31 -15.27
CA ALA B 126 0.91 -24.86 -15.29
C ALA B 126 -0.55 -24.49 -15.05
N PRO B 127 -0.85 -23.21 -14.84
CA PRO B 127 -2.26 -22.85 -14.74
C PRO B 127 -2.95 -22.98 -16.10
N SER B 128 -2.22 -22.75 -17.17
CA SER B 128 -2.75 -22.81 -18.51
C SER B 128 -1.73 -23.46 -19.45
N ALA B 129 -2.22 -24.07 -20.53
CA ALA B 129 -1.36 -24.77 -21.49
C ALA B 129 -0.72 -23.79 -22.47
N ILE B 130 0.24 -23.04 -21.95
CA ILE B 130 0.97 -22.02 -22.69
C ILE B 130 2.45 -22.14 -22.33
N ALA B 131 3.27 -22.41 -23.33
CA ALA B 131 4.71 -22.55 -23.15
C ALA B 131 5.38 -21.18 -22.96
N PRO B 132 6.35 -21.09 -22.02
CA PRO B 132 7.17 -19.88 -21.98
C PRO B 132 8.11 -19.83 -23.17
N GLY B 133 8.69 -18.67 -23.42
CA GLY B 133 9.60 -18.48 -24.55
C GLY B 133 11.00 -18.94 -24.23
N GLY B 134 11.88 -18.87 -25.23
CA GLY B 134 13.28 -19.26 -25.06
C GLY B 134 13.46 -20.76 -25.04
N HIS B 135 14.59 -21.21 -24.49
CA HIS B 135 14.97 -22.62 -24.53
C HIS B 135 15.17 -23.16 -23.12
N VAL B 136 15.09 -24.48 -22.98
CA VAL B 136 15.25 -25.12 -21.68
C VAL B 136 16.68 -24.94 -21.22
N SER B 137 16.86 -24.38 -20.04
CA SER B 137 18.20 -24.07 -19.51
C SER B 137 19.04 -25.34 -19.36
N LEU B 138 20.31 -25.25 -19.80
CA LEU B 138 21.35 -26.26 -19.51
C LEU B 138 21.06 -27.65 -20.09
N VAL B 139 20.40 -27.69 -21.24
CA VAL B 139 20.05 -28.94 -21.94
C VAL B 139 20.49 -28.80 -23.39
N ARG B 140 21.08 -29.84 -23.96
CA ARG B 140 21.55 -29.78 -25.35
C ARG B 140 21.15 -31.00 -26.19
N PRO B 141 20.98 -30.81 -27.51
CA PRO B 141 21.01 -29.50 -28.18
C PRO B 141 19.85 -28.61 -27.71
N GLN B 142 20.06 -27.29 -27.80
CA GLN B 142 19.03 -26.34 -27.40
C GLN B 142 17.67 -26.70 -28.00
N ARG B 143 16.62 -26.62 -27.19
CA ARG B 143 15.27 -26.86 -27.69
C ARG B 143 14.24 -25.98 -26.96
N PRO B 144 13.09 -25.71 -27.60
CA PRO B 144 12.09 -24.90 -26.92
C PRO B 144 11.37 -25.67 -25.82
N TYR B 145 10.73 -24.93 -24.91
CA TYR B 145 9.87 -25.54 -23.93
C TYR B 145 8.68 -26.19 -24.61
N VAL B 146 8.25 -27.34 -24.09
CA VAL B 146 7.04 -27.99 -24.57
C VAL B 146 5.87 -27.24 -23.95
N THR B 147 4.70 -27.42 -24.56
CA THR B 147 3.49 -26.87 -24.00
C THR B 147 3.12 -27.68 -22.75
N PRO B 148 2.92 -27.00 -21.61
CA PRO B 148 2.64 -27.73 -20.37
C PRO B 148 1.21 -28.24 -20.31
N ARG B 149 0.93 -29.07 -19.32
CA ARG B 149 -0.42 -29.51 -19.01
C ARG B 149 -1.06 -28.53 -18.05
N ALA B 150 -2.29 -28.12 -18.35
CA ALA B 150 -3.05 -27.24 -17.48
C ALA B 150 -3.52 -28.03 -16.25
N LEU B 151 -3.20 -27.54 -15.06
CA LEU B 151 -3.60 -28.21 -13.82
C LEU B 151 -5.12 -28.26 -13.76
N GLU B 152 -5.65 -29.41 -13.38
CA GLU B 152 -7.09 -29.57 -13.18
C GLU B 152 -7.43 -28.93 -11.84
N LEU B 153 -8.65 -28.43 -11.73
CA LEU B 153 -9.10 -27.76 -10.51
C LEU B 153 -8.88 -28.65 -9.27
N ASP B 154 -9.15 -29.95 -9.41
CA ASP B 154 -9.02 -30.88 -8.29
C ASP B 154 -7.59 -31.32 -7.98
N GLU B 155 -6.62 -30.87 -8.79
CA GLU B 155 -5.20 -31.12 -8.52
C GLU B 155 -4.55 -30.06 -7.63
N ILE B 156 -5.21 -28.93 -7.51
CA ILE B 156 -4.61 -27.77 -6.85
C ILE B 156 -4.38 -28.00 -5.36
N PRO B 157 -5.36 -28.59 -4.65
CA PRO B 157 -5.08 -28.92 -3.25
C PRO B 157 -3.81 -29.76 -3.06
N GLY B 158 -3.48 -30.60 -4.05
CA GLY B 158 -2.29 -31.44 -3.99
C GLY B 158 -1.00 -30.63 -4.10
N VAL B 159 -1.05 -29.55 -4.86
CA VAL B 159 0.07 -28.63 -4.95
C VAL B 159 0.25 -27.92 -3.62
N VAL B 160 -0.86 -27.45 -3.04
CA VAL B 160 -0.82 -26.77 -1.75
C VAL B 160 -0.26 -27.70 -0.67
N ALA B 161 -0.72 -28.95 -0.68
CA ALA B 161 -0.28 -29.96 0.29
C ALA B 161 1.19 -30.32 0.15
N ALA B 162 1.72 -30.23 -1.07
CA ALA B 162 3.16 -30.47 -1.29
C ALA B 162 3.99 -29.33 -0.69
N PHE B 163 3.53 -28.10 -0.90
CA PHE B 163 4.10 -26.93 -0.22
C PHE B 163 3.99 -27.02 1.31
N ARG B 164 2.84 -27.46 1.81
CA ARG B 164 2.64 -27.60 3.26
C ARG B 164 3.61 -28.61 3.85
N ARG B 165 3.72 -29.77 3.20
CA ARG B 165 4.69 -30.81 3.59
C ARG B 165 6.12 -30.26 3.52
N GLY B 166 6.40 -29.47 2.49
CA GLY B 166 7.71 -28.84 2.34
C GLY B 166 8.00 -27.97 3.54
N ALA B 167 6.99 -27.18 3.94
CA ALA B 167 7.13 -26.26 5.06
C ALA B 167 7.34 -26.98 6.41
N GLU B 168 6.68 -28.13 6.59
CA GLU B 168 6.88 -28.92 7.83
C GLU B 168 8.24 -29.64 7.81
N ASN B 169 8.65 -30.13 6.65
CA ASN B 169 9.96 -30.73 6.49
C ASN B 169 11.07 -29.71 6.77
N ALA B 170 10.89 -28.48 6.29
CA ALA B 170 11.83 -27.39 6.56
C ALA B 170 11.99 -27.12 8.05
N ARG B 171 10.87 -27.16 8.77
CA ARG B 171 10.89 -27.03 10.23
C ARG B 171 11.63 -28.19 10.89
N ALA B 172 11.33 -29.42 10.46
CA ALA B 172 12.03 -30.59 11.00
C ALA B 172 13.53 -30.51 10.68
N ALA B 173 13.88 -29.88 9.55
CA ALA B 173 15.30 -29.74 9.12
C ALA B 173 16.08 -28.65 9.88
N GLY B 174 15.38 -27.89 10.72
CA GLY B 174 16.02 -26.94 11.61
C GLY B 174 16.20 -25.55 11.04
N PHE B 175 15.41 -25.19 10.03
CA PHE B 175 15.43 -23.83 9.46
C PHE B 175 14.79 -22.81 10.41
N ASP B 176 15.11 -21.53 10.21
CA ASP B 176 14.55 -20.46 11.01
C ASP B 176 13.21 -19.98 10.47
N GLY B 177 12.93 -20.34 9.23
CA GLY B 177 11.65 -20.00 8.60
C GLY B 177 11.62 -20.52 7.17
N VAL B 178 10.63 -20.09 6.40
CA VAL B 178 10.55 -20.41 4.97
C VAL B 178 10.18 -19.19 4.15
N GLU B 179 10.66 -19.19 2.91
CA GLU B 179 10.29 -18.18 1.95
C GLU B 179 9.55 -18.84 0.82
N VAL B 180 8.38 -18.32 0.46
CA VAL B 180 7.61 -18.85 -0.64
C VAL B 180 8.11 -18.19 -1.92
N HIS B 181 8.52 -19.01 -2.90
CA HIS B 181 8.98 -18.51 -4.19
C HIS B 181 7.77 -18.19 -5.07
N GLY B 182 7.29 -16.95 -4.96
CA GLY B 182 6.20 -16.47 -5.82
C GLY B 182 6.71 -15.61 -6.97
N ALA B 183 7.93 -15.86 -7.42
CA ALA B 183 8.57 -14.95 -8.37
C ALA B 183 9.19 -15.67 -9.55
N ASN B 184 9.81 -14.87 -10.42
CA ASN B 184 10.64 -15.35 -11.53
C ASN B 184 9.97 -16.32 -12.48
N GLY B 185 8.65 -16.26 -12.57
CA GLY B 185 7.90 -17.01 -13.56
C GLY B 185 7.72 -18.48 -13.27
N TYR B 186 7.95 -18.89 -12.03
CA TYR B 186 7.69 -20.27 -11.63
C TYR B 186 6.21 -20.41 -11.22
N LEU B 187 5.82 -21.55 -10.66
CA LEU B 187 4.40 -21.93 -10.64
C LEU B 187 3.46 -20.88 -10.06
N LEU B 188 3.81 -20.31 -8.92
CA LEU B 188 2.90 -19.40 -8.22
C LEU B 188 2.80 -18.06 -8.94
N ASP B 189 3.88 -17.67 -9.62
CA ASP B 189 3.95 -16.43 -10.40
C ASP B 189 3.19 -16.62 -11.72
N GLN B 190 3.19 -17.85 -12.23
CA GLN B 190 2.44 -18.19 -13.44
C GLN B 190 0.95 -17.98 -13.19
N PHE B 191 0.47 -18.49 -12.06
CA PHE B 191 -0.92 -18.27 -11.65
C PHE B 191 -1.23 -16.79 -11.44
N LEU B 192 -0.29 -16.07 -10.82
CA LEU B 192 -0.50 -14.67 -10.47
C LEU B 192 -0.66 -13.75 -11.67
N GLN B 193 0.17 -13.92 -12.69
CA GLN B 193 0.23 -12.98 -13.82
C GLN B 193 -0.64 -13.44 -15.00
N ASP B 194 -1.36 -12.50 -15.61
CA ASP B 194 -2.38 -12.87 -16.59
C ASP B 194 -1.85 -13.20 -17.99
N SER B 195 -0.54 -13.02 -18.21
CA SER B 195 0.08 -13.54 -19.44
C SER B 195 0.17 -15.08 -19.45
N ALA B 196 0.33 -15.67 -18.26
CA ALA B 196 0.54 -17.13 -18.11
C ALA B 196 -0.75 -17.86 -17.72
N ASN B 197 -1.59 -17.19 -16.94
CA ASN B 197 -2.83 -17.77 -16.41
C ASN B 197 -4.03 -17.23 -17.18
N ARG B 198 -4.61 -18.07 -18.03
CA ARG B 198 -5.85 -17.75 -18.76
C ARG B 198 -7.03 -18.62 -18.27
N ARG B 199 -6.97 -19.09 -17.03
CA ARG B 199 -8.01 -19.94 -16.47
C ARG B 199 -9.29 -19.15 -16.24
N THR B 200 -10.42 -19.84 -16.32
CA THR B 200 -11.74 -19.24 -16.09
C THR B 200 -12.46 -19.91 -14.93
N ASP B 201 -11.70 -20.42 -13.97
CA ASP B 201 -12.27 -20.95 -12.74
C ASP B 201 -11.85 -20.08 -11.55
N ALA B 202 -11.91 -20.61 -10.35
CA ALA B 202 -11.64 -19.82 -9.14
C ALA B 202 -10.15 -19.50 -8.97
N TYR B 203 -9.29 -20.08 -9.80
CA TYR B 203 -7.86 -19.77 -9.77
C TYR B 203 -7.40 -18.95 -10.98
N GLY B 204 -8.36 -18.35 -11.68
CA GLY B 204 -8.05 -17.50 -12.85
C GLY B 204 -9.09 -16.41 -13.03
N GLY B 205 -8.81 -15.51 -13.96
CA GLY B 205 -9.68 -14.37 -14.23
C GLY B 205 -9.25 -13.16 -13.42
N SER B 206 -9.93 -12.92 -12.31
CA SER B 206 -9.69 -11.76 -11.46
C SER B 206 -8.35 -11.83 -10.71
N ILE B 207 -7.96 -10.68 -10.14
CA ILE B 207 -6.72 -10.58 -9.38
C ILE B 207 -6.81 -11.43 -8.12
N GLU B 208 -7.96 -11.41 -7.45
CA GLU B 208 -8.17 -12.26 -6.28
C GLU B 208 -8.03 -13.74 -6.64
N ASN B 209 -8.64 -14.15 -7.76
CA ASN B 209 -8.53 -15.53 -8.22
C ASN B 209 -7.09 -15.92 -8.62
N ARG B 210 -6.40 -15.02 -9.32
CA ARG B 210 -5.02 -15.30 -9.75
C ARG B 210 -4.05 -15.35 -8.57
N ALA B 211 -4.30 -14.54 -7.55
CA ALA B 211 -3.47 -14.53 -6.35
C ALA B 211 -3.82 -15.68 -5.40
N ARG B 212 -4.96 -16.32 -5.62
CA ARG B 212 -5.48 -17.34 -4.69
C ARG B 212 -4.50 -18.47 -4.34
N LEU B 213 -3.80 -19.01 -5.33
CA LEU B 213 -2.87 -20.11 -5.08
C LEU B 213 -1.73 -19.65 -4.19
N LEU B 214 -1.05 -18.58 -4.61
CA LEU B 214 0.04 -18.00 -3.85
C LEU B 214 -0.38 -17.81 -2.38
N LEU B 215 -1.56 -17.26 -2.17
CA LEU B 215 -2.05 -17.00 -0.81
C LEU B 215 -2.47 -18.29 -0.08
N GLU B 216 -2.95 -19.28 -0.82
CA GLU B 216 -3.22 -20.59 -0.21
C GLU B 216 -1.94 -21.27 0.29
N VAL B 217 -0.86 -21.12 -0.48
CA VAL B 217 0.44 -21.65 -0.09
C VAL B 217 1.03 -20.88 1.10
N VAL B 218 0.94 -19.56 1.07
CA VAL B 218 1.36 -18.75 2.22
C VAL B 218 0.56 -19.12 3.49
N ASP B 219 -0.73 -19.34 3.36
CA ASP B 219 -1.54 -19.78 4.52
C ASP B 219 -1.17 -21.18 5.03
N ALA B 220 -0.82 -22.10 4.13
CA ALA B 220 -0.32 -23.41 4.56
C ALA B 220 1.00 -23.27 5.34
N ALA B 221 1.89 -22.41 4.84
CA ALA B 221 3.16 -22.16 5.50
C ALA B 221 2.94 -21.53 6.87
N ILE B 222 2.03 -20.56 6.92
CA ILE B 222 1.68 -19.88 8.17
C ILE B 222 1.17 -20.86 9.23
N ASP B 223 0.30 -21.77 8.81
CA ASP B 223 -0.25 -22.77 9.72
C ASP B 223 0.82 -23.67 10.35
N VAL B 224 1.93 -23.91 9.63
CA VAL B 224 3.05 -24.70 10.14
C VAL B 224 4.03 -23.88 10.99
N TRP B 225 4.32 -22.66 10.56
CA TRP B 225 5.39 -21.84 11.12
C TRP B 225 4.95 -20.66 11.97
N SER B 226 3.69 -20.24 11.84
CA SER B 226 3.26 -18.88 12.20
C SER B 226 3.79 -17.89 11.16
N ALA B 227 3.06 -16.79 10.98
CA ALA B 227 3.42 -15.77 10.00
C ALA B 227 4.75 -15.12 10.31
N ALA B 228 5.12 -15.12 11.59
CA ALA B 228 6.38 -14.54 12.05
C ALA B 228 7.63 -15.17 11.44
N ARG B 229 7.52 -16.39 10.92
CA ARG B 229 8.66 -17.06 10.27
C ARG B 229 8.38 -17.42 8.81
N VAL B 230 7.49 -16.66 8.16
CA VAL B 230 7.18 -16.86 6.75
C VAL B 230 7.49 -15.60 5.96
N GLY B 231 8.27 -15.74 4.89
CA GLY B 231 8.52 -14.67 3.96
C GLY B 231 7.99 -15.05 2.59
N VAL B 232 7.90 -14.06 1.71
CA VAL B 232 7.43 -14.28 0.35
C VAL B 232 8.32 -13.54 -0.64
N HIS B 233 8.61 -14.20 -1.76
N HIS B 233 8.59 -14.20 -1.76
CA HIS B 233 9.45 -13.64 -2.80
CA HIS B 233 9.47 -13.68 -2.81
C HIS B 233 8.61 -13.25 -3.99
C HIS B 233 8.61 -13.25 -4.00
N LEU B 234 8.75 -12.00 -4.44
CA LEU B 234 8.00 -11.48 -5.60
C LEU B 234 8.94 -10.78 -6.56
N ALA B 235 8.58 -10.78 -7.84
CA ALA B 235 9.38 -10.16 -8.90
C ALA B 235 8.45 -9.32 -9.78
N PRO B 236 8.15 -8.09 -9.36
CA PRO B 236 7.11 -7.24 -9.96
C PRO B 236 7.23 -6.96 -11.46
N ARG B 237 8.45 -6.85 -11.97
CA ARG B 237 8.64 -6.51 -13.40
C ARG B 237 8.21 -7.59 -14.35
N GLY B 238 8.21 -8.85 -13.90
CA GLY B 238 7.88 -9.96 -14.77
C GLY B 238 8.82 -10.07 -15.96
N ASP B 239 10.12 -9.99 -15.69
CA ASP B 239 11.13 -9.95 -16.76
C ASP B 239 11.95 -11.22 -16.88
N ALA B 240 11.46 -12.31 -16.28
CA ALA B 240 12.06 -13.64 -16.45
C ALA B 240 11.01 -14.70 -16.75
N HIS B 241 11.36 -15.63 -17.65
CA HIS B 241 10.51 -16.77 -18.01
C HIS B 241 9.12 -16.36 -18.53
N THR B 242 9.11 -15.34 -19.37
CA THR B 242 7.93 -14.95 -20.14
C THR B 242 6.76 -14.59 -19.25
N MET B 243 7.04 -13.83 -18.20
CA MET B 243 5.99 -13.27 -17.37
C MET B 243 5.47 -11.99 -18.00
N GLY B 244 4.54 -11.34 -17.33
CA GLY B 244 3.96 -10.10 -17.82
C GLY B 244 2.53 -10.00 -17.32
N ASP B 245 2.18 -8.84 -16.79
CA ASP B 245 0.82 -8.63 -16.33
C ASP B 245 0.31 -7.32 -16.89
N SER B 246 -0.95 -7.30 -17.29
CA SER B 246 -1.57 -6.12 -17.87
C SER B 246 -1.71 -4.96 -16.88
N ASP B 247 -1.57 -5.22 -15.59
CA ASP B 247 -1.56 -4.16 -14.56
C ASP B 247 -0.78 -4.62 -13.33
N PRO B 248 0.57 -4.51 -13.38
CA PRO B 248 1.44 -4.96 -12.30
C PRO B 248 1.16 -4.32 -10.94
N ALA B 249 0.97 -3.00 -10.92
CA ALA B 249 0.69 -2.30 -9.65
C ALA B 249 -0.58 -2.83 -8.99
N ALA B 250 -1.60 -3.12 -9.80
CA ALA B 250 -2.86 -3.61 -9.26
C ALA B 250 -2.70 -5.03 -8.77
N THR B 251 -1.98 -5.84 -9.56
CA THR B 251 -1.81 -7.26 -9.23
C THR B 251 -0.95 -7.46 -7.99
N PHE B 252 0.24 -6.88 -7.99
CA PHE B 252 1.18 -7.04 -6.88
C PHE B 252 0.76 -6.19 -5.68
N GLY B 253 0.02 -5.11 -5.93
CA GLY B 253 -0.56 -4.32 -4.85
C GLY B 253 -1.48 -5.16 -4.02
N HIS B 254 -2.35 -5.92 -4.68
CA HIS B 254 -3.30 -6.75 -3.97
C HIS B 254 -2.59 -7.86 -3.19
N VAL B 255 -1.54 -8.45 -3.76
CA VAL B 255 -0.78 -9.47 -3.06
C VAL B 255 -0.12 -8.88 -1.80
N ALA B 256 0.52 -7.73 -1.95
CA ALA B 256 1.20 -7.06 -0.85
C ALA B 256 0.27 -6.68 0.30
N ARG B 257 -0.92 -6.18 -0.03
CA ARG B 257 -1.90 -5.83 0.99
C ARG B 257 -2.34 -7.08 1.75
N GLU B 258 -2.55 -8.17 1.02
CA GLU B 258 -2.96 -9.43 1.62
C GLU B 258 -1.87 -10.04 2.49
N LEU B 259 -0.62 -9.97 2.05
CA LEU B 259 0.48 -10.49 2.86
C LEU B 259 0.65 -9.63 4.13
N GLY B 260 0.42 -8.32 3.99
CA GLY B 260 0.49 -7.38 5.10
C GLY B 260 -0.56 -7.65 6.17
N ARG B 261 -1.80 -7.92 5.74
CA ARG B 261 -2.86 -8.32 6.65
C ARG B 261 -2.45 -9.51 7.51
N ARG B 262 -1.72 -10.45 6.93
CA ARG B 262 -1.31 -11.67 7.63
C ARG B 262 -0.09 -11.45 8.54
N ARG B 263 0.52 -10.27 8.47
CA ARG B 263 1.67 -9.92 9.30
C ARG B 263 2.83 -10.89 9.08
N ILE B 264 3.13 -11.23 7.83
CA ILE B 264 4.25 -12.14 7.58
C ILE B 264 5.59 -11.45 7.88
N ALA B 265 6.64 -12.26 7.94
CA ALA B 265 7.97 -11.82 8.37
C ALA B 265 8.55 -10.72 7.48
N PHE B 266 8.45 -10.90 6.18
CA PHE B 266 8.99 -9.95 5.22
C PHE B 266 8.49 -10.22 3.81
N LEU B 267 8.63 -9.19 2.98
CA LEU B 267 8.46 -9.31 1.55
C LEU B 267 9.79 -9.01 0.85
N PHE B 268 10.24 -9.92 0.01
CA PHE B 268 11.47 -9.78 -0.77
C PHE B 268 11.05 -9.51 -2.19
N ALA B 269 11.48 -8.37 -2.74
CA ALA B 269 11.20 -8.02 -4.13
C ALA B 269 12.49 -7.99 -4.96
N ARG B 270 12.61 -8.91 -5.92
CA ARG B 270 13.63 -8.75 -6.96
C ARG B 270 13.08 -7.71 -7.91
N GLU B 271 13.66 -6.52 -7.87
CA GLU B 271 13.28 -5.42 -8.74
C GLU B 271 14.34 -4.35 -8.59
N SER B 272 15.22 -4.24 -9.58
CA SER B 272 16.23 -3.18 -9.56
C SER B 272 15.54 -1.82 -9.56
N PHE B 273 16.14 -0.87 -8.85
CA PHE B 273 15.61 0.47 -8.73
C PHE B 273 15.77 1.21 -10.07
N GLY B 274 14.87 2.15 -10.30
CA GLY B 274 14.80 2.88 -11.57
C GLY B 274 13.42 3.47 -11.78
N GLY B 275 13.26 4.27 -12.82
CA GLY B 275 12.01 5.00 -13.07
C GLY B 275 10.71 4.20 -13.14
N ASP B 276 10.80 2.91 -13.47
CA ASP B 276 9.60 2.06 -13.59
C ASP B 276 9.39 1.13 -12.39
N ALA B 277 10.09 1.39 -11.29
CA ALA B 277 10.00 0.56 -10.09
C ALA B 277 8.69 0.82 -9.36
N ILE B 278 8.01 -0.24 -8.94
CA ILE B 278 6.79 -0.11 -8.13
C ILE B 278 6.99 -0.58 -6.68
N GLY B 279 8.25 -0.84 -6.30
CA GLY B 279 8.56 -1.41 -5.00
C GLY B 279 7.99 -0.63 -3.83
N GLN B 280 8.04 0.69 -3.95
CA GLN B 280 7.60 1.57 -2.88
C GLN B 280 6.10 1.47 -2.65
N GLN B 281 5.34 1.32 -3.70
CA GLN B 281 3.94 0.98 -3.64
C GLN B 281 3.71 -0.29 -2.88
N LEU B 282 4.42 -1.32 -3.23
CA LEU B 282 4.32 -2.62 -2.58
C LEU B 282 4.69 -2.54 -1.11
N LYS B 283 5.75 -1.79 -0.81
CA LYS B 283 6.21 -1.55 0.57
C LYS B 283 5.12 -0.87 1.41
N ALA B 284 4.48 0.14 0.84
CA ALA B 284 3.36 0.81 1.52
C ALA B 284 2.20 -0.15 1.71
N ALA B 285 1.87 -0.90 0.66
CA ALA B 285 0.77 -1.88 0.72
C ALA B 285 1.01 -2.97 1.76
N PHE B 286 2.26 -3.40 1.89
CA PHE B 286 2.63 -4.44 2.85
C PHE B 286 2.76 -3.92 4.28
N GLY B 287 3.47 -2.81 4.48
CA GLY B 287 3.65 -2.24 5.82
C GLY B 287 4.61 -2.93 6.79
N GLY B 288 5.21 -4.05 6.40
CA GLY B 288 6.20 -4.76 7.22
C GLY B 288 7.57 -4.70 6.58
N PRO B 289 8.54 -5.50 7.07
CA PRO B 289 9.91 -5.49 6.54
C PRO B 289 9.99 -5.77 5.04
N PHE B 290 10.65 -4.87 4.31
CA PHE B 290 10.74 -4.93 2.87
C PHE B 290 12.20 -5.12 2.46
N ILE B 291 12.49 -6.23 1.79
CA ILE B 291 13.84 -6.55 1.36
C ILE B 291 13.94 -6.27 -0.13
N VAL B 292 14.87 -5.41 -0.51
CA VAL B 292 15.06 -5.03 -1.90
C VAL B 292 16.24 -5.80 -2.44
N ASN B 293 16.38 -5.80 -3.77
CA ASN B 293 17.34 -6.65 -4.44
C ASN B 293 17.41 -6.39 -5.94
N GLU B 294 18.59 -6.63 -6.51
CA GLU B 294 18.88 -6.63 -7.97
C GLU B 294 19.73 -5.42 -8.32
N ASN B 295 20.97 -5.69 -8.70
CA ASN B 295 21.93 -4.68 -9.16
C ASN B 295 22.33 -3.65 -8.10
N PHE B 296 22.09 -3.95 -6.83
CA PHE B 296 22.49 -3.04 -5.76
C PHE B 296 24.00 -3.02 -5.53
N THR B 297 24.51 -1.84 -5.24
CA THR B 297 25.88 -1.67 -4.76
C THR B 297 25.83 -1.24 -3.29
N LEU B 298 26.99 -1.19 -2.64
CA LEU B 298 27.08 -0.76 -1.25
C LEU B 298 26.47 0.64 -1.08
N ASP B 299 26.89 1.57 -1.92
CA ASP B 299 26.37 2.93 -1.87
C ASP B 299 24.86 3.02 -2.10
N SER B 300 24.36 2.33 -3.13
CA SER B 300 22.93 2.38 -3.47
C SER B 300 22.07 1.67 -2.42
N ALA B 301 22.59 0.59 -1.85
CA ALA B 301 21.90 -0.12 -0.77
C ALA B 301 21.75 0.79 0.47
N GLN B 302 22.81 1.48 0.82
CA GLN B 302 22.77 2.45 1.90
C GLN B 302 21.93 3.67 1.60
N ALA B 303 21.89 4.05 0.37
CA ALA B 303 21.01 5.12 -0.06
C ALA B 303 19.53 4.73 0.16
N ALA B 304 19.17 3.51 -0.22
CA ALA B 304 17.80 3.02 -0.05
C ALA B 304 17.36 2.91 1.42
N LEU B 305 18.27 2.55 2.32
CA LEU B 305 17.95 2.56 3.75
C LEU B 305 17.78 3.99 4.26
N ASP B 306 18.70 4.88 3.89
CA ASP B 306 18.64 6.29 4.29
C ASP B 306 17.34 6.98 3.87
N ALA B 307 16.77 6.58 2.73
CA ALA B 307 15.52 7.15 2.21
C ALA B 307 14.24 6.45 2.70
N GLY B 308 14.39 5.43 3.54
CA GLY B 308 13.23 4.63 3.96
C GLY B 308 12.55 3.86 2.84
N GLN B 309 13.33 3.47 1.82
CA GLN B 309 12.82 2.72 0.67
C GLN B 309 12.98 1.20 0.85
N ALA B 310 13.66 0.82 1.93
CA ALA B 310 13.95 -0.58 2.19
C ALA B 310 14.40 -0.73 3.63
N ASP B 311 14.17 -1.92 4.18
CA ASP B 311 14.58 -2.27 5.53
C ASP B 311 15.85 -3.11 5.51
N ALA B 312 16.04 -3.89 4.44
CA ALA B 312 17.29 -4.61 4.22
C ALA B 312 17.54 -4.76 2.72
N VAL B 313 18.75 -5.14 2.33
CA VAL B 313 19.08 -5.33 0.93
C VAL B 313 19.72 -6.70 0.74
N ALA B 314 19.29 -7.41 -0.30
CA ALA B 314 19.84 -8.71 -0.63
C ALA B 314 20.74 -8.63 -1.86
N TRP B 315 21.84 -9.35 -1.80
CA TRP B 315 22.76 -9.52 -2.91
C TRP B 315 22.77 -10.99 -3.32
N GLY B 316 22.78 -11.21 -4.63
CA GLY B 316 22.89 -12.55 -5.18
C GLY B 316 24.30 -12.81 -5.67
N LYS B 317 24.62 -12.27 -6.83
CA LYS B 317 25.92 -12.53 -7.48
C LYS B 317 27.11 -12.12 -6.63
N LEU B 318 27.03 -11.01 -5.91
CA LEU B 318 28.12 -10.65 -4.99
C LEU B 318 28.34 -11.64 -3.83
N PHE B 319 27.31 -12.33 -3.36
CA PHE B 319 27.49 -13.37 -2.31
C PHE B 319 28.05 -14.67 -2.87
N ILE B 320 27.80 -14.94 -4.14
CA ILE B 320 28.45 -16.05 -4.82
C ILE B 320 29.97 -15.89 -4.73
N ALA B 321 30.44 -14.69 -5.06
CA ALA B 321 31.87 -14.43 -5.22
C ALA B 321 32.56 -13.98 -3.92
N ASN B 322 31.79 -13.54 -2.91
CA ASN B 322 32.35 -13.05 -1.66
C ASN B 322 31.66 -13.66 -0.44
N PRO B 323 32.26 -14.70 0.16
CA PRO B 323 31.61 -15.32 1.30
C PRO B 323 31.48 -14.37 2.47
N ASP B 324 32.47 -13.50 2.64
CA ASP B 324 32.50 -12.49 3.70
C ASP B 324 32.10 -11.10 3.19
N LEU B 325 31.03 -11.06 2.41
CA LEU B 325 30.55 -9.80 1.84
C LEU B 325 30.32 -8.70 2.91
N PRO B 326 29.68 -9.06 4.04
CA PRO B 326 29.44 -8.03 5.05
C PRO B 326 30.71 -7.34 5.53
N ARG B 327 31.74 -8.11 5.86
CA ARG B 327 33.02 -7.53 6.31
C ARG B 327 33.70 -6.73 5.20
N ARG B 328 33.64 -7.22 3.96
CA ARG B 328 34.20 -6.47 2.84
C ARG B 328 33.49 -5.12 2.66
N PHE B 329 32.17 -5.09 2.88
CA PHE B 329 31.42 -3.83 2.83
C PHE B 329 31.81 -2.92 3.99
N LYS B 330 31.90 -3.49 5.18
CA LYS B 330 32.29 -2.72 6.38
C LYS B 330 33.66 -2.04 6.24
N LEU B 331 34.64 -2.73 5.66
CA LEU B 331 35.99 -2.19 5.48
C LEU B 331 36.18 -1.45 4.16
N ASN B 332 35.12 -1.28 3.37
CA ASN B 332 35.22 -0.75 2.01
C ASN B 332 36.32 -1.47 1.23
N ALA B 333 36.31 -2.80 1.31
CA ALA B 333 37.34 -3.63 0.71
C ALA B 333 37.12 -3.83 -0.79
N PRO B 334 38.14 -4.36 -1.49
CA PRO B 334 37.93 -4.88 -2.84
C PRO B 334 36.97 -6.07 -2.84
N LEU B 335 36.30 -6.29 -3.96
CA LEU B 335 35.36 -7.38 -4.10
C LEU B 335 35.80 -8.35 -5.18
N ASN B 336 35.68 -9.64 -4.90
CA ASN B 336 35.91 -10.67 -5.91
C ASN B 336 34.90 -10.53 -7.05
N GLU B 337 35.34 -10.84 -8.27
CA GLU B 337 34.47 -10.84 -9.43
C GLU B 337 33.80 -12.21 -9.55
N PRO B 338 32.46 -12.22 -9.70
CA PRO B 338 31.75 -13.48 -9.94
C PRO B 338 32.11 -14.12 -11.29
N ASN B 339 32.36 -15.43 -11.28
CA ASN B 339 32.65 -16.20 -12.49
C ASN B 339 31.40 -16.93 -12.98
N ALA B 340 30.65 -16.29 -13.88
CA ALA B 340 29.37 -16.81 -14.39
C ALA B 340 29.43 -18.26 -14.90
N ALA B 341 30.55 -18.61 -15.51
CA ALA B 341 30.72 -19.96 -16.07
C ALA B 341 30.66 -21.08 -15.03
N THR B 342 30.93 -20.78 -13.75
CA THR B 342 30.85 -21.79 -12.68
C THR B 342 29.64 -21.63 -11.74
N PHE B 343 28.71 -20.75 -12.07
CA PHE B 343 27.49 -20.60 -11.27
C PHE B 343 26.76 -21.93 -11.08
N TYR B 344 26.72 -22.74 -12.14
CA TYR B 344 25.95 -23.99 -12.13
C TYR B 344 26.78 -25.26 -12.32
N ALA B 345 28.11 -25.15 -12.43
CA ALA B 345 28.98 -26.33 -12.58
C ALA B 345 29.01 -27.22 -11.33
N GLN B 346 29.74 -28.32 -11.38
CA GLN B 346 29.75 -29.31 -10.28
C GLN B 346 30.90 -29.07 -9.30
N GLY B 347 30.64 -29.36 -8.03
CA GLY B 347 31.70 -29.46 -7.02
C GLY B 347 32.19 -28.17 -6.41
N GLU B 348 33.32 -28.26 -5.71
CA GLU B 348 33.97 -27.13 -5.05
C GLU B 348 34.25 -25.94 -5.97
N VAL B 349 34.52 -26.22 -7.24
CA VAL B 349 35.03 -25.22 -8.17
C VAL B 349 33.97 -24.18 -8.50
N GLY B 350 34.29 -22.92 -8.23
CA GLY B 350 33.35 -21.82 -8.37
C GLY B 350 32.24 -21.85 -7.34
N TYR B 351 32.47 -22.52 -6.21
CA TYR B 351 31.45 -22.71 -5.18
C TYR B 351 32.00 -22.32 -3.81
N THR B 352 33.01 -23.05 -3.32
CA THR B 352 33.63 -22.75 -2.04
C THR B 352 35.08 -22.28 -2.19
N ASP B 353 35.51 -22.00 -3.41
CA ASP B 353 36.90 -21.63 -3.65
C ASP B 353 37.11 -20.11 -3.86
N TYR B 354 36.04 -19.32 -3.73
CA TYR B 354 36.20 -17.87 -3.68
C TYR B 354 36.74 -17.51 -2.29
N PRO B 355 37.86 -16.76 -2.24
CA PRO B 355 38.53 -16.51 -0.96
C PRO B 355 37.89 -15.37 -0.15
N ALA B 356 37.83 -15.57 1.16
CA ALA B 356 37.52 -14.48 2.10
C ALA B 356 38.74 -13.62 2.27
N LEU B 357 38.59 -12.46 2.90
CA LEU B 357 39.75 -11.64 3.27
C LEU B 357 40.64 -12.37 4.28
N GLU B 358 41.95 -12.13 4.21
CA GLU B 358 42.90 -12.67 5.19
C GLU B 358 42.72 -12.00 6.56
N1 FMN C . -11.12 21.36 1.78
C2 FMN C . -11.79 20.64 2.74
O2 FMN C . -11.47 19.48 2.99
N3 FMN C . -12.84 21.22 3.44
C4 FMN C . -13.21 22.52 3.18
O4 FMN C . -14.21 23.00 3.72
C4A FMN C . -12.53 23.25 2.21
N5 FMN C . -12.90 24.55 1.94
C5A FMN C . -12.22 25.28 0.97
C6 FMN C . -12.59 26.59 0.71
C7 FMN C . -11.91 27.32 -0.26
C7M FMN C . -12.32 28.72 -0.57
C8 FMN C . -10.85 26.73 -0.96
C8M FMN C . -10.18 27.49 -2.07
C9 FMN C . -10.49 25.42 -0.68
C9A FMN C . -11.17 24.69 0.28
N10 FMN C . -10.80 23.39 0.55
C10 FMN C . -11.48 22.67 1.51
C1' FMN C . -9.74 22.73 -0.28
C2' FMN C . -10.36 22.16 -1.55
O2' FMN C . -11.27 21.14 -1.20
C3' FMN C . -9.30 21.60 -2.47
O3' FMN C . -8.69 20.48 -1.87
C4' FMN C . -8.24 22.65 -2.79
O4' FMN C . -8.86 23.86 -3.15
C5' FMN C . -7.32 22.19 -3.91
O5' FMN C . -8.10 21.77 -5.01
P FMN C . -8.17 22.67 -6.34
O1P FMN C . -6.78 22.96 -6.81
O2P FMN C . -8.88 23.97 -6.04
O3P FMN C . -8.94 21.93 -7.42
N1 FMN D . 16.25 -16.30 -7.19
C2 FMN D . 15.35 -17.11 -6.53
O2 FMN D . 14.32 -16.62 -6.07
N3 FMN D . 15.59 -18.46 -6.40
C4 FMN D . 16.75 -19.00 -6.92
O4 FMN D . 17.02 -20.18 -6.71
C4A FMN D . 17.66 -18.19 -7.58
N5 FMN D . 18.82 -18.73 -8.10
C5A FMN D . 19.72 -17.92 -8.77
C6 FMN D . 20.89 -18.46 -9.30
C7 FMN D . 21.80 -17.65 -9.96
C7M FMN D . 23.09 -18.21 -10.44
C8 FMN D . 21.54 -16.29 -10.09
C8M FMN D . 22.57 -15.39 -10.72
C9 FMN D . 20.37 -15.74 -9.56
C9A FMN D . 19.46 -16.56 -8.90
N10 FMN D . 18.31 -16.02 -8.37
C10 FMN D . 17.41 -16.84 -7.72
C1' FMN D . 18.08 -14.54 -8.42
C2' FMN D . 18.81 -13.87 -7.27
O2' FMN D . 18.24 -14.30 -6.05
C3' FMN D . 18.72 -12.36 -7.36
O3' FMN D . 17.36 -11.96 -7.29
C4' FMN D . 19.33 -11.85 -8.66
O4' FMN D . 20.57 -12.49 -8.89
C5' FMN D . 19.52 -10.34 -8.62
O5' FMN D . 20.30 -10.00 -7.50
P FMN D . 21.85 -9.55 -7.68
O1P FMN D . 21.88 -8.35 -8.60
O2P FMN D . 22.64 -10.68 -8.28
O3P FMN D . 22.42 -9.17 -6.34
#